data_1INH
#
_entry.id   1INH
#
_cell.length_a   119.740
_cell.length_b   141.020
_cell.length_c   141.780
_cell.angle_alpha   90.00
_cell.angle_beta   90.00
_cell.angle_gamma   90.00
#
_symmetry.space_group_name_H-M   'C 2 2 21'
#
loop_
_entity.id
_entity.type
_entity.pdbx_description
1 polymer 'INFLUENZA A SUBTYPE N2 NEURAMINIDASE'
2 branched 2-acetamido-2-deoxy-beta-D-glucopyranose-(1-4)-2-acetamido-2-deoxy-beta-D-glucopyranose
3 branched beta-D-mannopyranose-(1-4)-2-acetamido-2-deoxy-beta-D-glucopyranose-(1-4)-[beta-L-fucopyranose-(1-6)]2-acetamido-2-deoxy-beta-D-glucopyranose
4 branched beta-D-mannopyranose-(1-2)-alpha-D-mannopyranose-(1-3)-beta-D-mannopyranose-(1-4)-2-acetamido-2-deoxy-beta-D-glucopyranose-(1-4)-[alpha-D-mannopyranose-(1-6)]2-acetamido-2-deoxy-beta-D-glucopyranose
5 branched beta-D-mannopyranose-(1-4)-2-acetamido-2-deoxy-beta-D-glucopyranose-(1-4)-[alpha-L-fucopyranose-(1-6)]2-acetamido-2-deoxy-beta-D-glucopyranose
6 branched alpha-D-mannopyranose-(1-2)-alpha-D-mannopyranose-(1-3)-beta-D-mannopyranose-(1-4)-2-acetamido-2-deoxy-beta-D-glucopyranose-(1-4)-[alpha-D-mannopyranose-(1-6)]2-acetamido-2-deoxy-beta-D-glucopyranose
7 non-polymer 'CALCIUM ION'
8 non-polymer '4-(ACETYLAMINO)-3-[(AMINOACETYL)AMINO]BENZOIC ACID'
#
_entity_poly.entity_id   1
_entity_poly.type   'polypeptide(L)'
_entity_poly.pdbx_seq_one_letter_code
;VEYRNWSKPQCQITGFAPFSKDNSIRLSAGGDIWVTREPYVSCDPVKCYQFALGQGTTLDNKHSNDTVHDRIPHRTLLMN
ELGVPFHLGTRQVCIAWSSSSCHDGKAWLHVCITGDDKNATASFIYDGRLVDSIGSWSQNILRTQESECVCINGTCTVVM
TDGSASGRADTRILFIEEGKIVHISPLAGSAQHVEECSCYPRYPGVRCICRDNWKGSNRPVVDINMEDYSIDSSYVCSGL
VGDTPRNDDRSSNSNCRDPNNERGTQGVKGWAFDNGNDLWMGRTISKDLRSGYETFKVIGGWSTPNSKSQINRQVIVDSD
NRSGYSGIFSVEGKSCINRCFYVELIRGRKQETRVWWTSNSIVVFCGTSGTYGTGSWPDGANINFMPI
;
_entity_poly.pdbx_strand_id   A,B
#
# COMPACT_ATOMS: atom_id res chain seq x y z
N VAL A 1 -19.00 -14.14 -12.41
CA VAL A 1 -19.13 -12.88 -11.62
C VAL A 1 -19.66 -11.76 -12.49
N GLU A 2 -20.83 -11.24 -12.12
CA GLU A 2 -21.46 -10.14 -12.85
C GLU A 2 -21.10 -8.86 -12.12
N TYR A 3 -21.39 -7.71 -12.74
CA TYR A 3 -21.09 -6.42 -12.12
C TYR A 3 -22.22 -5.95 -11.20
N ARG A 4 -21.86 -5.18 -10.18
CA ARG A 4 -22.85 -4.60 -9.26
C ARG A 4 -23.50 -3.42 -9.99
N ASN A 5 -24.72 -3.08 -9.57
CA ASN A 5 -25.48 -1.97 -10.17
C ASN A 5 -26.55 -1.45 -9.20
N TRP A 6 -26.91 -2.28 -8.23
CA TRP A 6 -27.89 -1.94 -7.20
C TRP A 6 -29.33 -1.50 -7.62
N SER A 7 -29.97 -2.19 -8.54
CA SER A 7 -31.33 -1.79 -8.93
C SER A 7 -32.46 -2.36 -8.04
N LYS A 8 -32.29 -2.27 -6.72
CA LYS A 8 -33.29 -2.77 -5.75
C LYS A 8 -33.73 -1.64 -4.84
N PRO A 9 -35.03 -1.62 -4.50
CA PRO A 9 -35.58 -0.60 -3.63
C PRO A 9 -34.91 -0.65 -2.28
N GLN A 10 -34.62 0.50 -1.70
CA GLN A 10 -33.99 0.58 -0.39
C GLN A 10 -34.97 -0.04 0.62
N CYS A 11 -34.44 -0.77 1.58
CA CYS A 11 -35.26 -1.44 2.59
C CYS A 11 -35.88 -0.45 3.54
N GLN A 12 -37.18 -0.59 3.79
CA GLN A 12 -37.90 0.29 4.71
C GLN A 12 -37.48 -0.10 6.10
N ILE A 13 -36.58 0.68 6.68
CA ILE A 13 -36.08 0.39 8.02
C ILE A 13 -36.95 0.97 9.11
N THR A 14 -36.65 0.63 10.36
CA THR A 14 -37.44 1.05 11.53
C THR A 14 -36.53 1.44 12.68
N GLY A 15 -35.24 1.41 12.38
CA GLY A 15 -34.21 1.71 13.37
C GLY A 15 -33.02 0.79 13.09
N PHE A 16 -32.05 0.81 13.99
CA PHE A 16 -30.85 0.03 13.80
C PHE A 16 -30.61 -1.06 14.83
N ALA A 17 -30.41 -2.28 14.34
CA ALA A 17 -30.14 -3.44 15.20
C ALA A 17 -28.62 -3.59 15.39
N PRO A 18 -28.19 -4.19 16.51
CA PRO A 18 -26.76 -4.40 16.76
C PRO A 18 -26.13 -5.39 15.71
N PHE A 19 -24.95 -5.06 15.16
CA PHE A 19 -24.33 -5.90 14.14
C PHE A 19 -22.87 -6.36 14.34
N SER A 20 -22.03 -5.52 14.95
CA SER A 20 -20.63 -5.87 15.18
C SER A 20 -19.89 -4.88 16.06
N LYS A 21 -18.75 -5.30 16.59
CA LYS A 21 -17.92 -4.49 17.49
C LYS A 21 -16.62 -5.26 17.46
N ASP A 22 -15.47 -4.61 17.66
CA ASP A 22 -14.21 -5.37 17.60
C ASP A 22 -13.26 -5.20 18.76
N ASN A 23 -13.69 -4.48 19.80
CA ASN A 23 -12.89 -4.23 21.01
C ASN A 23 -11.37 -3.96 20.89
N SER A 24 -10.95 -3.31 19.81
CA SER A 24 -9.53 -3.03 19.58
C SER A 24 -8.70 -2.46 20.72
N ILE A 25 -9.25 -1.51 21.47
CA ILE A 25 -8.47 -0.90 22.55
C ILE A 25 -8.28 -1.77 23.79
N ARG A 26 -9.32 -2.50 24.17
CA ARG A 26 -9.25 -3.39 25.33
C ARG A 26 -8.17 -4.43 25.11
N LEU A 27 -8.28 -5.12 23.97
CA LEU A 27 -7.34 -6.15 23.56
C LEU A 27 -5.91 -5.62 23.37
N SER A 28 -5.79 -4.30 23.14
CA SER A 28 -4.51 -3.63 22.94
C SER A 28 -3.73 -3.54 24.22
N ALA A 29 -4.40 -3.82 25.34
CA ALA A 29 -3.76 -3.74 26.63
C ALA A 29 -3.16 -5.07 26.97
N GLY A 30 -3.45 -6.07 26.14
CA GLY A 30 -2.90 -7.38 26.37
C GLY A 30 -2.80 -8.01 25.01
N GLY A 31 -1.84 -7.58 24.21
CA GLY A 31 -1.70 -8.15 22.88
C GLY A 31 -1.21 -7.13 21.85
N ASP A 32 -0.54 -7.65 20.82
CA ASP A 32 0.01 -6.83 19.73
C ASP A 32 -1.04 -6.44 18.68
N ILE A 33 -1.67 -5.28 18.90
CA ILE A 33 -2.75 -4.75 18.06
C ILE A 33 -2.35 -3.37 17.53
N TRP A 34 -2.69 -3.11 16.27
CA TRP A 34 -2.34 -1.86 15.61
C TRP A 34 -2.91 -0.57 16.13
N VAL A 35 -2.20 0.53 15.87
CA VAL A 35 -2.69 1.86 16.23
C VAL A 35 -3.34 2.35 14.95
N THR A 36 -4.60 2.78 15.01
CA THR A 36 -5.25 3.30 13.80
C THR A 36 -6.02 4.59 14.04
N ARG A 37 -6.96 4.81 13.14
CA ARG A 37 -7.91 5.93 13.19
C ARG A 37 -8.57 5.95 11.86
N GLU A 38 -9.57 6.81 11.71
CA GLU A 38 -10.28 6.88 10.44
C GLU A 38 -10.65 5.51 9.90
N PRO A 39 -11.53 4.78 10.59
CA PRO A 39 -11.96 3.44 10.16
C PRO A 39 -13.11 3.49 9.17
N TYR A 40 -13.56 2.31 8.75
CA TYR A 40 -14.69 2.18 7.84
C TYR A 40 -14.89 0.71 7.48
N VAL A 41 -16.02 0.37 6.90
CA VAL A 41 -16.24 -1.00 6.54
C VAL A 41 -16.90 -1.00 5.19
N SER A 42 -16.70 -2.09 4.47
CA SER A 42 -17.29 -2.22 3.16
C SER A 42 -17.40 -3.70 2.86
N CYS A 43 -18.63 -4.11 2.53
CA CYS A 43 -19.01 -5.48 2.21
C CYS A 43 -18.79 -5.83 0.72
N ASP A 44 -18.07 -6.91 0.46
CA ASP A 44 -17.89 -7.34 -0.93
C ASP A 44 -19.12 -8.20 -1.16
N PRO A 45 -19.40 -8.62 -2.40
CA PRO A 45 -20.60 -9.45 -2.60
C PRO A 45 -20.83 -10.57 -1.58
N VAL A 46 -19.76 -11.05 -0.95
CA VAL A 46 -19.85 -12.13 0.05
C VAL A 46 -19.72 -11.73 1.51
N LYS A 47 -18.67 -11.01 1.90
CA LYS A 47 -18.58 -10.64 3.31
C LYS A 47 -18.02 -9.26 3.60
N CYS A 48 -18.37 -8.72 4.76
CA CYS A 48 -17.93 -7.40 5.19
C CYS A 48 -16.52 -7.41 5.75
N TYR A 49 -15.73 -6.44 5.32
CA TYR A 49 -14.35 -6.28 5.75
C TYR A 49 -14.24 -4.96 6.44
N GLN A 50 -13.35 -4.86 7.42
CA GLN A 50 -13.18 -3.60 8.12
C GLN A 50 -11.81 -2.95 7.85
N PHE A 51 -11.85 -1.68 7.44
CA PHE A 51 -10.66 -0.89 7.13
C PHE A 51 -10.34 0.19 8.16
N ALA A 52 -9.13 0.73 8.07
CA ALA A 52 -8.68 1.79 8.98
C ALA A 52 -7.31 2.28 8.47
N LEU A 53 -6.81 3.39 8.98
CA LEU A 53 -5.52 3.90 8.56
C LEU A 53 -4.54 3.71 9.69
N GLY A 54 -3.79 2.61 9.69
CA GLY A 54 -2.86 2.39 10.78
C GLY A 54 -1.58 3.22 10.72
N GLN A 55 -1.05 3.62 11.87
CA GLN A 55 0.18 4.43 11.92
C GLN A 55 1.53 3.74 12.00
N GLY A 56 1.76 2.80 11.08
CA GLY A 56 3.01 2.05 11.02
C GLY A 56 3.55 1.59 12.36
N THR A 57 2.68 1.14 13.27
CA THR A 57 3.12 0.70 14.61
C THR A 57 1.99 0.04 15.42
N THR A 58 2.36 -0.61 16.52
CA THR A 58 1.38 -1.22 17.40
C THR A 58 1.22 -0.29 18.63
N LEU A 59 0.17 -0.49 19.42
CA LEU A 59 -0.11 0.35 20.58
C LEU A 59 0.94 0.28 21.68
N ASP A 60 1.27 -0.93 22.16
CA ASP A 60 2.30 -1.06 23.21
C ASP A 60 3.65 -1.17 22.53
N ASN A 61 3.96 -0.12 21.79
CA ASN A 61 5.20 0.02 21.04
C ASN A 61 5.68 1.37 21.56
N LYS A 62 6.95 1.72 21.37
CA LYS A 62 7.39 3.05 21.81
C LYS A 62 7.15 4.02 20.66
N HIS A 63 6.83 3.45 19.50
CA HIS A 63 6.57 4.25 18.32
C HIS A 63 5.19 4.83 18.38
N SER A 64 4.38 4.38 19.34
CA SER A 64 3.02 4.92 19.41
C SER A 64 3.00 6.40 19.86
N ASN A 65 4.06 6.83 20.55
CA ASN A 65 4.16 8.22 21.01
C ASN A 65 3.93 9.24 19.90
N ASP A 66 2.99 10.15 20.13
CA ASP A 66 2.63 11.20 19.17
C ASP A 66 1.83 10.79 17.93
N THR A 67 0.89 9.87 18.09
CA THR A 67 0.08 9.46 16.95
C THR A 67 -1.13 10.37 16.71
N VAL A 68 -1.14 11.56 17.31
CA VAL A 68 -2.25 12.48 17.10
C VAL A 68 -2.11 13.06 15.71
N HIS A 69 -0.87 13.08 15.20
CA HIS A 69 -0.61 13.60 13.86
C HIS A 69 -1.32 12.76 12.80
N ASP A 70 -2.04 13.44 11.93
CA ASP A 70 -2.79 12.77 10.89
C ASP A 70 -2.01 12.16 9.75
N ARG A 71 -0.88 12.78 9.38
CA ARG A 71 -0.10 12.29 8.25
C ARG A 71 1.38 11.96 8.48
N ILE A 72 1.81 10.79 8.01
CA ILE A 72 3.21 10.32 8.10
C ILE A 72 3.38 9.35 6.95
N PRO A 73 4.62 9.19 6.44
CA PRO A 73 4.80 8.25 5.32
C PRO A 73 4.50 6.80 5.73
N HIS A 74 4.86 6.47 6.96
CA HIS A 74 4.65 5.15 7.54
C HIS A 74 3.17 5.01 7.96
N ARG A 75 2.25 5.14 7.01
CA ARG A 75 0.82 5.05 7.26
C ARG A 75 0.27 4.20 6.12
N THR A 76 -0.59 3.26 6.46
CA THR A 76 -1.09 2.32 5.47
C THR A 76 -2.54 1.88 5.66
N LEU A 77 -3.12 1.34 4.60
CA LEU A 77 -4.51 0.87 4.63
C LEU A 77 -4.65 -0.57 5.17
N LEU A 78 -4.89 -0.73 6.46
CA LEU A 78 -5.07 -2.05 7.06
C LEU A 78 -6.41 -2.58 6.58
N MET A 79 -6.51 -3.89 6.42
CA MET A 79 -7.77 -4.52 5.99
C MET A 79 -7.94 -5.98 6.47
N ASN A 80 -8.94 -6.24 7.32
CA ASN A 80 -9.26 -7.59 7.82
C ASN A 80 -10.74 -7.82 7.57
N GLU A 81 -11.27 -8.96 8.01
CA GLU A 81 -12.71 -9.22 7.86
C GLU A 81 -13.37 -8.52 9.04
N LEU A 82 -14.68 -8.25 8.94
CA LEU A 82 -15.37 -7.57 10.02
C LEU A 82 -15.45 -8.46 11.25
N GLY A 83 -14.91 -7.98 12.36
CA GLY A 83 -14.96 -8.78 13.55
C GLY A 83 -13.57 -9.09 14.02
N VAL A 84 -12.70 -9.45 13.10
CA VAL A 84 -11.32 -9.73 13.48
C VAL A 84 -10.51 -8.44 13.57
N PRO A 85 -9.97 -8.12 14.75
CA PRO A 85 -9.20 -6.90 14.89
C PRO A 85 -7.89 -6.85 14.11
N PHE A 86 -7.27 -5.67 14.10
CA PHE A 86 -6.01 -5.47 13.38
C PHE A 86 -4.80 -5.89 14.21
N HIS A 87 -4.51 -7.19 14.11
CA HIS A 87 -3.39 -7.83 14.79
C HIS A 87 -2.14 -7.84 13.88
N LEU A 88 -1.02 -8.34 14.42
CA LEU A 88 0.23 -8.41 13.69
C LEU A 88 0.27 -9.17 12.36
N GLY A 89 -0.83 -9.79 11.96
CA GLY A 89 -0.79 -10.51 10.70
C GLY A 89 -1.73 -9.93 9.68
N THR A 90 -2.16 -8.69 9.94
CA THR A 90 -3.09 -7.98 9.06
C THR A 90 -2.28 -7.50 7.87
N ARG A 91 -2.83 -7.62 6.66
CA ARG A 91 -2.09 -7.16 5.48
C ARG A 91 -2.21 -5.63 5.38
N GLN A 92 -1.20 -5.00 4.79
CA GLN A 92 -1.26 -3.57 4.62
C GLN A 92 -1.50 -3.43 3.12
N VAL A 93 -2.75 -3.10 2.78
CA VAL A 93 -3.18 -2.99 1.39
C VAL A 93 -2.48 -1.95 0.52
N CYS A 94 -1.93 -0.89 1.12
CA CYS A 94 -1.23 0.16 0.37
C CYS A 94 -0.71 1.25 1.30
N ILE A 95 0.10 2.18 0.77
CA ILE A 95 0.62 3.31 1.58
C ILE A 95 -0.44 4.39 1.51
N ALA A 96 -0.86 4.93 2.66
CA ALA A 96 -1.94 5.91 2.63
C ALA A 96 -2.24 6.66 3.93
N TRP A 97 -2.70 7.90 3.78
CA TRP A 97 -3.14 8.72 4.92
C TRP A 97 -4.59 9.15 4.68
N SER A 98 -5.03 9.03 3.44
CA SER A 98 -6.38 9.37 3.06
C SER A 98 -6.80 8.16 2.20
N SER A 99 -8.06 7.73 2.27
CA SER A 99 -8.48 6.53 1.51
C SER A 99 -9.95 6.36 1.13
N SER A 100 -10.23 5.25 0.49
CA SER A 100 -11.57 4.91 0.06
C SER A 100 -11.41 3.55 -0.58
N SER A 101 -12.45 2.72 -0.55
CA SER A 101 -12.41 1.39 -1.14
C SER A 101 -13.81 0.99 -1.58
N CYS A 102 -13.91 0.32 -2.71
CA CYS A 102 -15.20 -0.20 -3.15
C CYS A 102 -14.98 -1.50 -3.87
N HIS A 103 -16.06 -2.12 -4.34
CA HIS A 103 -15.95 -3.39 -5.02
C HIS A 103 -16.95 -3.38 -6.17
N ASP A 104 -16.48 -3.22 -7.39
CA ASP A 104 -17.39 -3.18 -8.54
C ASP A 104 -18.21 -4.41 -8.84
N GLY A 105 -17.98 -5.46 -8.06
CA GLY A 105 -18.68 -6.71 -8.31
C GLY A 105 -17.55 -7.67 -8.51
N LYS A 106 -16.76 -7.46 -9.57
CA LYS A 106 -15.62 -8.31 -9.90
C LYS A 106 -14.50 -8.27 -8.87
N ALA A 107 -13.97 -7.09 -8.56
CA ALA A 107 -12.89 -6.98 -7.57
C ALA A 107 -12.88 -5.68 -6.81
N TRP A 108 -11.87 -5.48 -5.96
CA TRP A 108 -11.79 -4.28 -5.16
C TRP A 108 -11.25 -3.01 -5.85
N LEU A 109 -11.04 -1.95 -5.07
CA LEU A 109 -10.52 -0.68 -5.56
C LEU A 109 -10.09 0.10 -4.33
N HIS A 110 -8.87 0.62 -4.32
CA HIS A 110 -8.42 1.35 -3.12
C HIS A 110 -7.74 2.62 -3.54
N VAL A 111 -8.31 3.77 -3.21
CA VAL A 111 -7.64 4.98 -3.61
C VAL A 111 -6.87 5.37 -2.39
N CYS A 112 -5.57 5.14 -2.50
CA CYS A 112 -4.65 5.40 -1.43
C CYS A 112 -3.85 6.66 -1.69
N ILE A 113 -3.78 7.54 -0.68
CA ILE A 113 -3.05 8.79 -0.82
C ILE A 113 -1.86 9.01 0.13
N THR A 114 -0.65 9.22 -0.42
CA THR A 114 0.57 9.53 0.36
C THR A 114 1.35 10.65 -0.32
N GLY A 115 2.43 11.08 0.32
CA GLY A 115 3.23 12.13 -0.28
C GLY A 115 3.23 13.37 0.59
N ASP A 116 3.73 14.50 0.08
CA ASP A 116 3.72 15.71 0.90
C ASP A 116 2.39 16.45 0.77
N ASP A 117 2.15 17.31 1.74
CA ASP A 117 0.92 18.09 1.77
C ASP A 117 0.86 18.98 0.54
N LYS A 118 2.01 19.56 0.17
CA LYS A 118 2.10 20.43 -1.01
C LYS A 118 2.00 19.70 -2.34
N ASN A 119 2.54 18.48 -2.44
CA ASN A 119 2.45 17.69 -3.66
C ASN A 119 2.27 16.24 -3.21
N ALA A 120 1.13 15.66 -3.57
CA ALA A 120 0.84 14.30 -3.19
C ALA A 120 0.39 13.46 -4.38
N THR A 121 0.39 12.16 -4.16
CA THR A 121 -0.02 11.24 -5.21
C THR A 121 -1.11 10.31 -4.68
N ALA A 122 -2.14 10.19 -5.47
CA ALA A 122 -3.23 9.32 -5.13
C ALA A 122 -3.07 8.17 -6.10
N SER A 123 -2.75 6.99 -5.57
CA SER A 123 -2.58 5.78 -6.37
C SER A 123 -3.90 5.00 -6.42
N PHE A 124 -4.22 4.56 -7.62
CA PHE A 124 -5.42 3.80 -7.87
C PHE A 124 -5.10 2.33 -8.12
N ILE A 125 -5.43 1.49 -7.15
CA ILE A 125 -5.18 0.06 -7.26
C ILE A 125 -6.47 -0.73 -7.46
N TYR A 126 -6.49 -1.62 -8.45
CA TYR A 126 -7.65 -2.45 -8.73
C TYR A 126 -7.24 -3.85 -9.17
N ASP A 127 -7.78 -4.84 -8.46
CA ASP A 127 -7.53 -6.24 -8.72
C ASP A 127 -6.12 -6.57 -8.28
N GLY A 128 -5.60 -5.77 -7.37
CA GLY A 128 -4.27 -6.04 -6.86
C GLY A 128 -3.10 -5.33 -7.50
N ARG A 129 -3.25 -4.98 -8.77
CA ARG A 129 -2.18 -4.28 -9.44
C ARG A 129 -2.48 -2.76 -9.42
N LEU A 130 -1.46 -1.94 -9.68
CA LEU A 130 -1.60 -0.50 -9.71
C LEU A 130 -1.90 -0.11 -11.16
N VAL A 131 -3.02 0.57 -11.41
CA VAL A 131 -3.46 0.94 -12.77
C VAL A 131 -3.31 2.40 -13.22
N ASP A 132 -3.36 3.32 -12.26
CA ASP A 132 -3.29 4.74 -12.58
C ASP A 132 -2.83 5.53 -11.34
N SER A 133 -2.78 6.85 -11.46
CA SER A 133 -2.38 7.72 -10.36
C SER A 133 -2.68 9.14 -10.79
N ILE A 134 -2.77 10.03 -9.81
CA ILE A 134 -3.13 11.42 -10.02
C ILE A 134 -2.33 12.37 -9.11
N GLY A 135 -1.96 13.52 -9.63
CA GLY A 135 -1.18 14.45 -8.83
C GLY A 135 -2.06 15.46 -8.13
N SER A 136 -1.51 16.10 -7.11
CA SER A 136 -2.27 17.13 -6.40
C SER A 136 -2.58 18.25 -7.41
N TRP A 137 -3.76 18.87 -7.31
CA TRP A 137 -4.15 19.94 -8.23
C TRP A 137 -4.30 21.33 -7.60
N SER A 138 -3.70 21.54 -6.44
CA SER A 138 -3.81 22.84 -5.81
C SER A 138 -2.77 22.99 -4.72
N GLN A 139 -1.90 22.00 -4.59
CA GLN A 139 -0.85 22.01 -3.57
C GLN A 139 -1.24 22.09 -2.11
N ASN A 140 -2.49 21.75 -1.78
CA ASN A 140 -2.88 21.75 -0.37
C ASN A 140 -3.68 20.54 0.12
N ILE A 141 -2.92 19.59 0.67
CA ILE A 141 -3.36 18.31 1.24
C ILE A 141 -4.48 17.53 0.60
N LEU A 142 -4.29 17.10 -0.64
CA LEU A 142 -5.26 16.28 -1.41
C LEU A 142 -5.89 15.12 -0.60
N ARG A 143 -7.19 15.18 -0.36
CA ARG A 143 -7.86 14.13 0.42
C ARG A 143 -9.09 13.48 -0.25
N THR A 144 -9.58 12.37 0.31
CA THR A 144 -10.75 11.67 -0.24
C THR A 144 -11.83 11.14 0.76
N GLN A 145 -12.91 10.53 0.23
CA GLN A 145 -14.07 10.04 1.02
C GLN A 145 -13.90 9.58 2.45
N GLU A 146 -12.81 8.87 2.75
CA GLU A 146 -12.53 8.35 4.08
C GLU A 146 -13.50 7.23 4.49
N SER A 147 -14.24 6.72 3.50
CA SER A 147 -15.23 5.64 3.68
C SER A 147 -15.44 4.94 2.31
N GLU A 148 -16.41 4.02 2.25
CA GLU A 148 -16.62 3.29 0.99
C GLU A 148 -17.20 4.08 -0.20
N CYS A 149 -16.58 3.88 -1.36
CA CYS A 149 -17.01 4.52 -2.60
C CYS A 149 -18.08 3.63 -3.19
N VAL A 150 -18.77 4.08 -4.24
CA VAL A 150 -19.80 3.24 -4.82
C VAL A 150 -19.71 3.03 -6.33
N CYS A 151 -19.78 1.77 -6.74
CA CYS A 151 -19.66 1.43 -8.15
C CYS A 151 -20.97 0.89 -8.70
N ILE A 152 -21.53 1.59 -9.68
CA ILE A 152 -22.75 1.12 -10.35
C ILE A 152 -22.26 0.72 -11.76
N ASN A 153 -22.77 -0.40 -12.28
CA ASN A 153 -22.44 -0.89 -13.63
C ASN A 153 -21.00 -0.76 -14.08
N GLY A 154 -20.08 -1.40 -13.37
CA GLY A 154 -18.70 -1.34 -13.80
C GLY A 154 -17.92 -0.07 -13.55
N THR A 155 -18.58 1.03 -13.19
CA THR A 155 -17.90 2.31 -12.96
C THR A 155 -17.89 2.82 -11.52
N CYS A 156 -16.71 2.93 -10.90
CA CYS A 156 -16.68 3.40 -9.52
C CYS A 156 -16.57 4.91 -9.45
N THR A 157 -17.09 5.51 -8.39
CA THR A 157 -17.04 6.96 -8.23
C THR A 157 -16.57 7.41 -6.85
N VAL A 158 -15.50 8.18 -6.79
CA VAL A 158 -15.04 8.68 -5.50
C VAL A 158 -14.90 10.20 -5.59
N VAL A 159 -15.49 10.93 -4.66
CA VAL A 159 -15.37 12.37 -4.73
C VAL A 159 -14.04 12.67 -4.06
N MET A 160 -13.38 13.76 -4.49
CA MET A 160 -12.08 14.14 -3.98
C MET A 160 -11.91 15.67 -3.88
N THR A 161 -11.26 16.10 -2.81
CA THR A 161 -11.01 17.50 -2.58
C THR A 161 -9.57 17.80 -2.23
N ASP A 162 -9.11 18.94 -2.71
CA ASP A 162 -7.76 19.45 -2.53
C ASP A 162 -7.88 20.97 -2.48
N GLY A 163 -7.38 21.59 -1.42
CA GLY A 163 -7.46 23.04 -1.28
C GLY A 163 -7.40 23.27 0.21
N SER A 164 -7.91 24.40 0.73
CA SER A 164 -7.85 24.63 2.19
C SER A 164 -9.08 24.12 2.94
N ALA A 165 -8.87 23.57 4.16
CA ALA A 165 -9.95 23.03 5.01
C ALA A 165 -10.92 24.11 5.49
N SER A 166 -10.39 25.19 6.04
CA SER A 166 -11.21 26.31 6.53
C SER A 166 -10.91 27.53 5.66
N GLY A 167 -11.49 27.46 4.48
CA GLY A 167 -11.35 28.46 3.46
C GLY A 167 -11.88 27.65 2.31
N ARG A 168 -12.21 28.25 1.19
CA ARG A 168 -12.70 27.46 0.06
C ARG A 168 -11.65 26.49 -0.52
N ALA A 169 -12.12 25.47 -1.23
CA ALA A 169 -11.21 24.50 -1.81
C ALA A 169 -11.66 24.03 -3.19
N ASP A 170 -10.82 23.19 -3.78
CA ASP A 170 -11.06 22.65 -5.10
C ASP A 170 -11.47 21.17 -5.00
N THR A 171 -12.75 20.90 -5.24
CA THR A 171 -13.29 19.55 -5.17
C THR A 171 -13.75 19.10 -6.54
N ARG A 172 -13.56 17.84 -6.86
CA ARG A 172 -14.05 17.25 -8.12
C ARG A 172 -14.47 15.80 -7.84
N ILE A 173 -15.19 15.20 -8.76
CA ILE A 173 -15.71 13.84 -8.56
C ILE A 173 -15.19 13.02 -9.72
N LEU A 174 -14.23 12.14 -9.42
CA LEU A 174 -13.62 11.33 -10.47
C LEU A 174 -14.37 10.06 -10.65
N PHE A 175 -14.53 9.65 -11.90
CA PHE A 175 -15.21 8.41 -12.27
C PHE A 175 -14.09 7.48 -12.74
N ILE A 176 -13.67 6.59 -11.85
CA ILE A 176 -12.55 5.69 -12.15
C ILE A 176 -12.88 4.19 -12.31
N GLU A 177 -13.12 3.75 -13.54
CA GLU A 177 -13.47 2.36 -13.84
C GLU A 177 -12.37 1.39 -14.32
N GLU A 178 -12.16 0.32 -13.53
CA GLU A 178 -11.14 -0.75 -13.71
C GLU A 178 -9.78 -0.27 -13.22
N GLY A 179 -9.81 0.67 -12.26
CA GLY A 179 -8.58 1.25 -11.73
C GLY A 179 -8.15 2.45 -12.59
N LYS A 180 -8.71 2.54 -13.80
CA LYS A 180 -8.42 3.61 -14.77
C LYS A 180 -9.40 4.78 -14.66
N ILE A 181 -8.89 6.00 -14.54
CA ILE A 181 -9.75 7.19 -14.50
C ILE A 181 -10.31 7.48 -15.90
N VAL A 182 -11.62 7.44 -16.04
CA VAL A 182 -12.23 7.73 -17.33
C VAL A 182 -13.07 9.01 -17.37
N HIS A 183 -12.86 9.86 -16.37
CA HIS A 183 -13.56 11.15 -16.31
C HIS A 183 -13.32 11.81 -15.00
N ILE A 184 -13.49 13.11 -14.98
CA ILE A 184 -13.37 13.94 -13.79
C ILE A 184 -14.40 15.04 -14.08
N SER A 185 -15.03 15.52 -13.02
CA SER A 185 -16.05 16.56 -13.13
C SER A 185 -15.92 17.38 -11.86
N PRO A 186 -16.05 18.71 -11.96
CA PRO A 186 -15.93 19.54 -10.76
C PRO A 186 -17.30 19.69 -10.07
N LEU A 187 -17.31 20.30 -8.90
CA LEU A 187 -18.55 20.50 -8.14
C LEU A 187 -19.53 21.52 -8.80
N ALA A 188 -20.83 21.24 -8.66
CA ALA A 188 -21.89 22.09 -9.20
C ALA A 188 -23.00 22.16 -8.15
N GLY A 189 -23.81 23.22 -8.18
CA GLY A 189 -24.88 23.37 -7.19
C GLY A 189 -24.52 24.36 -6.10
N SER A 190 -25.33 24.38 -5.05
CA SER A 190 -25.17 25.32 -3.93
C SER A 190 -24.21 25.10 -2.74
N ALA A 191 -23.38 24.06 -2.76
CA ALA A 191 -22.50 23.77 -1.62
C ALA A 191 -21.19 24.56 -1.55
N GLN A 192 -20.83 24.98 -0.34
CA GLN A 192 -19.63 25.80 -0.10
C GLN A 192 -18.30 25.13 0.24
N HIS A 193 -18.33 23.95 0.85
CA HIS A 193 -17.12 23.27 1.22
C HIS A 193 -17.45 21.80 1.43
N VAL A 194 -17.02 20.97 0.49
CA VAL A 194 -17.29 19.55 0.57
C VAL A 194 -16.06 18.78 0.98
N GLU A 195 -16.15 18.15 2.13
CA GLU A 195 -15.08 17.28 2.60
C GLU A 195 -15.77 15.97 3.03
N GLU A 196 -14.93 14.94 3.27
CA GLU A 196 -15.31 13.59 3.74
C GLU A 196 -16.69 12.99 3.41
N CYS A 197 -17.01 12.86 2.12
CA CYS A 197 -18.31 12.33 1.75
C CYS A 197 -18.64 10.86 2.03
N SER A 198 -19.81 10.67 2.64
CA SER A 198 -20.37 9.37 2.96
C SER A 198 -21.26 9.19 1.77
N CYS A 199 -20.93 8.28 0.88
CA CYS A 199 -21.75 8.14 -0.32
C CYS A 199 -22.41 6.80 -0.47
N TYR A 200 -23.70 6.80 -0.74
CA TYR A 200 -24.43 5.56 -0.91
C TYR A 200 -25.07 5.47 -2.29
N PRO A 201 -25.31 4.26 -2.79
CA PRO A 201 -25.93 4.12 -4.11
C PRO A 201 -27.44 4.28 -3.98
N ARG A 202 -28.02 5.02 -4.93
CA ARG A 202 -29.44 5.29 -4.99
C ARG A 202 -29.70 5.25 -6.49
N TYR A 203 -30.13 4.10 -6.99
CA TYR A 203 -30.35 3.96 -8.41
C TYR A 203 -31.15 5.09 -9.03
N PRO A 204 -30.69 5.61 -10.18
CA PRO A 204 -29.51 5.22 -10.93
C PRO A 204 -28.37 6.22 -10.76
N GLY A 205 -28.08 6.58 -9.52
CA GLY A 205 -27.00 7.53 -9.27
C GLY A 205 -26.28 7.30 -7.96
N VAL A 206 -25.65 8.33 -7.41
CA VAL A 206 -24.97 8.16 -6.14
C VAL A 206 -25.27 9.43 -5.34
N ARG A 207 -25.37 9.33 -4.02
CA ARG A 207 -25.63 10.50 -3.17
C ARG A 207 -24.59 10.60 -2.07
N CYS A 208 -24.22 11.82 -1.68
CA CYS A 208 -23.21 11.98 -0.64
C CYS A 208 -23.56 13.00 0.45
N ILE A 209 -23.53 12.61 1.71
CA ILE A 209 -23.81 13.58 2.75
C ILE A 209 -22.41 13.83 3.28
N CYS A 210 -21.90 15.04 3.06
CA CYS A 210 -20.51 15.36 3.45
C CYS A 210 -20.15 16.18 4.69
N ARG A 211 -19.07 16.96 4.57
CA ARG A 211 -18.60 17.79 5.70
C ARG A 211 -18.16 19.22 5.39
N ASP A 212 -19.04 20.20 5.54
CA ASP A 212 -18.66 21.58 5.33
C ASP A 212 -17.80 21.96 6.54
N ASN A 213 -16.50 22.07 6.30
CA ASN A 213 -15.52 22.40 7.32
C ASN A 213 -15.18 23.90 7.45
N TRP A 214 -15.84 24.73 6.64
CA TRP A 214 -15.59 26.17 6.64
C TRP A 214 -16.76 27.08 7.03
N LYS A 215 -17.89 26.95 6.35
CA LYS A 215 -19.03 27.82 6.63
C LYS A 215 -20.30 27.28 7.29
N GLY A 216 -20.44 25.97 7.48
CA GLY A 216 -21.69 25.51 8.07
C GLY A 216 -21.78 24.27 8.94
N SER A 217 -22.79 24.31 9.81
CA SER A 217 -23.10 23.22 10.73
C SER A 217 -24.03 22.30 9.98
N ASN A 218 -24.64 22.81 8.93
CA ASN A 218 -25.52 21.97 8.14
C ASN A 218 -24.62 21.12 7.26
N ARG A 219 -25.12 19.97 6.80
CA ARG A 219 -24.32 19.09 5.94
C ARG A 219 -24.68 19.16 4.46
N PRO A 220 -23.63 19.34 3.62
CA PRO A 220 -23.72 19.42 2.17
C PRO A 220 -24.10 18.12 1.57
N VAL A 221 -24.84 18.18 0.50
CA VAL A 221 -25.24 17.00 -0.23
C VAL A 221 -24.48 17.07 -1.55
N VAL A 222 -24.21 15.92 -2.16
CA VAL A 222 -23.55 15.91 -3.44
C VAL A 222 -24.24 14.85 -4.24
N ASP A 223 -24.66 15.19 -5.46
CA ASP A 223 -25.35 14.21 -6.26
C ASP A 223 -24.62 13.92 -7.53
N ILE A 224 -24.26 12.66 -7.71
CA ILE A 224 -23.54 12.25 -8.89
C ILE A 224 -24.43 11.42 -9.84
N ASN A 225 -24.32 11.68 -11.14
CA ASN A 225 -25.10 10.93 -12.12
C ASN A 225 -24.13 10.07 -12.89
N MET A 226 -24.26 8.78 -12.70
CA MET A 226 -23.34 7.86 -13.33
C MET A 226 -23.48 7.78 -14.84
N GLU A 227 -24.65 8.19 -15.35
CA GLU A 227 -24.89 8.12 -16.79
C GLU A 227 -24.59 9.44 -17.51
N ASP A 228 -24.12 10.44 -16.76
CA ASP A 228 -23.92 11.75 -17.36
C ASP A 228 -22.70 12.55 -16.94
N TYR A 229 -22.18 12.19 -15.77
CA TYR A 229 -21.02 12.84 -15.15
C TYR A 229 -21.41 14.24 -14.66
N SER A 230 -22.70 14.45 -14.39
CA SER A 230 -23.26 15.74 -13.93
C SER A 230 -23.36 15.79 -12.41
N ILE A 231 -22.96 16.90 -11.81
CA ILE A 231 -22.96 17.05 -10.35
C ILE A 231 -23.97 18.06 -9.81
N ASP A 232 -24.41 17.89 -8.57
CA ASP A 232 -25.37 18.79 -7.96
C ASP A 232 -25.26 18.91 -6.42
N SER A 233 -25.26 20.14 -5.93
CA SER A 233 -25.19 20.38 -4.49
C SER A 233 -26.53 20.81 -3.91
N SER A 234 -26.61 20.73 -2.59
CA SER A 234 -27.80 21.09 -1.83
C SER A 234 -27.26 21.10 -0.41
N TYR A 235 -28.18 21.06 0.54
CA TYR A 235 -27.86 20.97 1.97
C TYR A 235 -29.02 20.22 2.64
N VAL A 236 -28.80 19.72 3.86
CA VAL A 236 -29.87 18.99 4.48
C VAL A 236 -30.81 19.92 5.21
N CYS A 237 -32.07 19.89 4.77
CA CYS A 237 -33.16 20.68 5.36
C CYS A 237 -33.29 20.58 6.87
N SER A 238 -33.04 19.39 7.42
CA SER A 238 -33.10 19.15 8.87
C SER A 238 -32.74 20.37 9.75
N GLY A 239 -33.72 20.93 10.47
CA GLY A 239 -33.45 22.05 11.35
C GLY A 239 -32.61 21.47 12.46
N LEU A 240 -32.86 20.17 12.69
CA LEU A 240 -32.13 19.40 13.72
C LEU A 240 -30.67 19.29 13.37
N VAL A 241 -30.42 19.30 12.07
CA VAL A 241 -29.09 19.24 11.45
C VAL A 241 -27.89 19.07 12.41
N GLY A 242 -27.06 18.08 12.13
CA GLY A 242 -25.93 17.85 13.02
C GLY A 242 -24.53 17.55 12.51
N ASP A 243 -23.64 18.47 12.85
CA ASP A 243 -22.22 18.40 12.58
C ASP A 243 -21.70 18.68 14.00
N THR A 244 -20.45 19.09 14.16
CA THR A 244 -19.86 19.38 15.49
C THR A 244 -18.58 20.17 15.21
N PRO A 245 -18.43 21.40 15.75
CA PRO A 245 -19.44 22.07 16.60
C PRO A 245 -20.76 22.34 15.89
N ARG A 246 -21.80 22.38 16.71
CA ARG A 246 -23.16 22.62 16.30
C ARG A 246 -23.58 23.74 17.23
N ASN A 247 -24.63 24.45 16.84
CA ASN A 247 -25.16 25.58 17.58
C ASN A 247 -26.03 25.20 18.80
N ASP A 248 -27.21 24.66 18.51
CA ASP A 248 -28.19 24.28 19.52
C ASP A 248 -29.35 23.79 18.68
N ASP A 249 -30.15 22.86 19.21
CA ASP A 249 -31.29 22.30 18.49
C ASP A 249 -32.49 23.20 18.29
N ARG A 250 -32.68 24.14 19.21
CA ARG A 250 -33.81 25.05 19.10
C ARG A 250 -33.37 26.32 18.39
N SER A 251 -32.06 26.43 18.19
CA SER A 251 -31.47 27.59 17.57
C SER A 251 -30.69 27.23 16.32
N SER A 252 -31.03 26.11 15.71
CA SER A 252 -30.28 25.72 14.53
C SER A 252 -31.12 25.89 13.29
N ASN A 253 -30.49 26.27 12.20
CA ASN A 253 -31.26 26.47 11.00
C ASN A 253 -30.64 25.83 9.82
N SER A 254 -31.47 25.65 8.81
CA SER A 254 -31.04 25.11 7.54
C SER A 254 -32.20 25.34 6.58
N ASN A 255 -31.87 25.71 5.34
CA ASN A 255 -32.84 25.99 4.31
C ASN A 255 -32.70 25.06 3.12
N CYS A 256 -31.86 24.04 3.29
CA CYS A 256 -31.57 23.07 2.22
C CYS A 256 -30.76 23.72 1.09
N ARG A 257 -30.37 24.99 1.25
CA ARG A 257 -29.68 25.68 0.16
C ARG A 257 -28.24 26.12 0.35
N ASP A 258 -27.97 26.77 1.46
CA ASP A 258 -26.63 27.28 1.71
C ASP A 258 -26.24 27.20 3.17
N PRO A 259 -24.94 27.34 3.45
CA PRO A 259 -24.48 27.29 4.84
C PRO A 259 -25.25 28.18 5.78
N ASN A 260 -25.56 27.64 6.94
CA ASN A 260 -26.29 28.34 7.98
C ASN A 260 -25.43 29.37 8.72
N ASN A 261 -24.12 29.38 8.49
CA ASN A 261 -23.20 30.30 9.14
C ASN A 261 -23.35 30.32 10.68
N GLU A 262 -23.58 29.13 11.25
CA GLU A 262 -23.75 28.93 12.70
C GLU A 262 -22.62 28.05 13.17
N ARG A 263 -21.53 28.65 13.63
CA ARG A 263 -20.35 27.86 14.09
C ARG A 263 -19.71 27.04 12.94
N GLY A 264 -20.25 27.22 11.72
CA GLY A 264 -19.81 26.51 10.52
C GLY A 264 -18.46 25.82 10.48
N THR A 265 -17.40 26.59 10.73
CA THR A 265 -16.03 26.10 10.69
C THR A 265 -15.83 24.82 11.48
N GLN A 266 -14.81 24.05 11.08
CA GLN A 266 -14.48 22.76 11.67
C GLN A 266 -15.66 21.78 11.57
N GLY A 267 -15.43 20.53 11.94
CA GLY A 267 -16.48 19.54 11.86
C GLY A 267 -16.04 18.12 12.13
N VAL A 268 -16.65 17.18 11.43
CA VAL A 268 -16.34 15.76 11.59
C VAL A 268 -17.06 15.04 10.47
N LYS A 269 -16.55 13.89 10.04
CA LYS A 269 -17.19 13.12 8.96
C LYS A 269 -18.50 12.57 9.57
N GLY A 270 -19.57 12.55 8.79
CA GLY A 270 -20.85 12.06 9.31
C GLY A 270 -21.63 11.36 8.24
N TRP A 271 -22.95 11.18 8.42
CA TRP A 271 -23.77 10.49 7.43
C TRP A 271 -25.28 10.78 7.62
N ALA A 272 -26.08 10.37 6.63
CA ALA A 272 -27.54 10.48 6.66
C ALA A 272 -28.15 9.90 5.38
N PHE A 273 -29.44 9.63 5.38
CA PHE A 273 -30.04 9.09 4.17
C PHE A 273 -31.54 9.37 4.08
N ASP A 274 -32.02 9.46 2.86
CA ASP A 274 -33.43 9.76 2.66
C ASP A 274 -34.39 8.59 2.66
N ASN A 275 -35.66 8.94 2.85
CA ASN A 275 -36.75 8.00 2.78
C ASN A 275 -37.89 8.96 2.50
N GLY A 276 -38.19 9.14 1.22
CA GLY A 276 -39.24 10.06 0.82
C GLY A 276 -38.85 11.47 1.23
N ASN A 277 -39.57 11.99 2.20
CA ASN A 277 -39.32 13.34 2.69
C ASN A 277 -38.67 13.23 4.04
N ASP A 278 -38.46 11.99 4.48
CA ASP A 278 -37.85 11.74 5.78
C ASP A 278 -36.37 11.45 5.68
N LEU A 279 -35.68 11.80 6.75
CA LEU A 279 -34.25 11.64 6.81
C LEU A 279 -33.74 10.95 8.09
N TRP A 280 -33.23 9.73 7.94
CA TRP A 280 -32.65 8.96 9.05
C TRP A 280 -31.27 9.59 9.23
N MET A 281 -30.82 9.78 10.46
CA MET A 281 -29.52 10.42 10.59
C MET A 281 -28.82 10.18 11.88
N GLY A 282 -27.51 10.10 11.82
CA GLY A 282 -26.74 9.91 13.02
C GLY A 282 -26.19 11.25 13.42
N ARG A 283 -25.70 11.35 14.65
CA ARG A 283 -25.17 12.63 15.12
C ARG A 283 -24.53 12.30 16.42
N THR A 284 -23.62 13.14 16.88
CA THR A 284 -23.01 12.87 18.18
C THR A 284 -24.05 13.43 19.11
N ILE A 285 -24.04 13.04 20.37
CA ILE A 285 -25.03 13.61 21.24
C ILE A 285 -24.70 15.11 21.46
N SER A 286 -23.43 15.46 21.57
CA SER A 286 -23.10 16.87 21.83
C SER A 286 -22.76 17.80 20.66
N LYS A 287 -23.19 19.04 20.81
CA LYS A 287 -22.97 20.11 19.85
C LYS A 287 -21.51 20.53 19.83
N ASP A 288 -20.88 20.56 21.01
CA ASP A 288 -19.49 20.96 21.17
C ASP A 288 -18.38 19.96 20.87
N LEU A 289 -18.48 18.75 21.44
CA LEU A 289 -17.49 17.69 21.26
C LEU A 289 -18.07 16.48 20.52
N ARG A 290 -17.22 15.47 20.31
CA ARG A 290 -17.62 14.23 19.66
C ARG A 290 -17.80 13.20 20.79
N SER A 291 -18.87 13.33 21.57
CA SER A 291 -19.10 12.40 22.68
C SER A 291 -20.49 11.82 22.57
N GLY A 292 -20.58 10.49 22.66
CA GLY A 292 -21.86 9.81 22.54
C GLY A 292 -22.35 9.83 21.10
N TYR A 293 -23.40 9.08 20.79
CA TYR A 293 -23.93 9.09 19.43
C TYR A 293 -25.42 8.77 19.51
N GLU A 294 -26.19 9.37 18.63
CA GLU A 294 -27.63 9.17 18.60
C GLU A 294 -28.09 9.15 17.15
N THR A 295 -29.12 8.35 16.88
CA THR A 295 -29.72 8.24 15.56
C THR A 295 -31.23 8.54 15.70
N PHE A 296 -31.86 8.97 14.62
CA PHE A 296 -33.30 9.26 14.64
C PHE A 296 -33.79 9.70 13.29
N LYS A 297 -35.08 9.53 13.05
CA LYS A 297 -35.65 9.96 11.79
C LYS A 297 -36.25 11.32 12.07
N VAL A 298 -36.04 12.25 11.15
CA VAL A 298 -36.57 13.60 11.27
C VAL A 298 -37.69 13.67 10.28
N ILE A 299 -38.88 13.94 10.79
CA ILE A 299 -40.04 14.04 9.92
C ILE A 299 -39.88 15.24 8.99
N GLY A 300 -40.05 14.99 7.69
CA GLY A 300 -39.90 16.06 6.72
C GLY A 300 -38.47 16.61 6.65
N GLY A 301 -37.53 15.80 7.14
CA GLY A 301 -36.13 16.20 7.16
C GLY A 301 -35.42 16.20 5.82
N TRP A 302 -36.08 15.77 4.78
CA TRP A 302 -35.46 15.76 3.46
C TRP A 302 -36.12 16.69 2.46
N SER A 303 -37.36 17.07 2.72
CA SER A 303 -38.05 17.91 1.78
C SER A 303 -38.62 19.19 2.32
N THR A 304 -38.54 19.39 3.63
CA THR A 304 -39.07 20.62 4.17
C THR A 304 -37.97 21.36 4.88
N PRO A 305 -37.65 22.56 4.41
CA PRO A 305 -36.58 23.34 5.04
C PRO A 305 -36.79 23.56 6.51
N ASN A 306 -35.72 23.47 7.26
CA ASN A 306 -35.74 23.69 8.70
C ASN A 306 -36.73 22.87 9.57
N SER A 307 -37.05 21.63 9.18
CA SER A 307 -37.96 20.82 9.98
C SER A 307 -37.19 20.21 11.15
N LYS A 308 -37.63 20.49 12.37
CA LYS A 308 -36.93 19.94 13.53
C LYS A 308 -37.84 19.01 14.36
N SER A 309 -38.57 18.14 13.66
CA SER A 309 -39.48 17.19 14.30
C SER A 309 -38.96 15.76 14.19
N GLN A 310 -38.47 15.19 15.29
CA GLN A 310 -37.92 13.81 15.28
C GLN A 310 -38.73 12.65 15.85
N ILE A 311 -38.70 11.50 15.17
CA ILE A 311 -39.36 10.28 15.65
C ILE A 311 -38.33 9.14 15.53
N ASN A 312 -38.38 8.18 16.45
CA ASN A 312 -37.47 7.01 16.46
C ASN A 312 -35.98 7.27 16.76
N ARG A 313 -35.67 7.53 18.03
CA ARG A 313 -34.29 7.81 18.45
C ARG A 313 -33.69 6.63 19.16
N GLN A 314 -32.38 6.51 19.01
CA GLN A 314 -31.63 5.44 19.64
C GLN A 314 -30.29 5.98 20.09
N VAL A 315 -29.90 5.67 21.32
CA VAL A 315 -28.59 6.07 21.85
C VAL A 315 -27.69 4.90 21.46
N ILE A 316 -26.60 5.20 20.78
CA ILE A 316 -25.69 4.18 20.34
C ILE A 316 -24.51 4.17 21.28
N VAL A 317 -24.13 5.35 21.71
CA VAL A 317 -23.02 5.51 22.66
C VAL A 317 -23.48 6.54 23.69
N ASP A 318 -23.32 6.22 24.98
CA ASP A 318 -23.77 7.15 25.98
C ASP A 318 -23.03 8.47 26.01
N SER A 319 -23.79 9.52 26.28
CA SER A 319 -23.31 10.90 26.35
C SER A 319 -22.05 11.11 27.18
N ASP A 320 -21.83 10.21 28.14
CA ASP A 320 -20.65 10.29 29.01
C ASP A 320 -19.45 9.58 28.39
N ASN A 321 -19.55 9.31 27.10
CA ASN A 321 -18.54 8.59 26.33
C ASN A 321 -18.10 9.28 25.04
N ARG A 322 -17.00 8.77 24.44
CA ARG A 322 -16.41 9.29 23.20
C ARG A 322 -16.93 8.65 21.92
N SER A 323 -16.85 9.39 20.83
CA SER A 323 -17.21 8.89 19.50
C SER A 323 -16.15 9.47 18.49
N GLY A 324 -16.62 10.04 17.38
CA GLY A 324 -15.72 10.63 16.39
C GLY A 324 -16.34 10.46 15.04
N TYR A 325 -15.49 10.09 14.09
CA TYR A 325 -15.91 9.86 12.71
C TYR A 325 -17.00 8.81 12.62
N SER A 326 -17.60 8.72 11.43
CA SER A 326 -18.65 7.75 11.15
C SER A 326 -19.11 7.89 9.73
N GLY A 327 -19.50 6.79 9.15
CA GLY A 327 -19.95 6.80 7.78
C GLY A 327 -20.98 5.72 7.59
N ILE A 328 -21.68 5.80 6.48
CA ILE A 328 -22.70 4.84 6.17
C ILE A 328 -22.12 3.86 5.17
N PHE A 329 -22.60 2.62 5.20
CA PHE A 329 -22.20 1.61 4.23
C PHE A 329 -23.49 0.85 3.90
N SER A 330 -23.75 0.56 2.64
CA SER A 330 -24.95 -0.20 2.33
C SER A 330 -24.68 -1.63 1.88
N VAL A 331 -25.65 -2.51 2.07
CA VAL A 331 -25.46 -3.88 1.64
C VAL A 331 -26.73 -4.45 1.01
N GLU A 332 -26.57 -5.19 -0.09
CA GLU A 332 -27.73 -5.73 -0.79
C GLU A 332 -28.38 -6.89 -0.08
N GLY A 333 -29.70 -6.84 -0.04
CA GLY A 333 -30.50 -7.89 0.56
C GLY A 333 -31.01 -8.70 -0.63
N LYS A 334 -31.76 -9.76 -0.36
CA LYS A 334 -32.27 -10.61 -1.44
C LYS A 334 -33.56 -10.04 -1.99
N SER A 335 -33.86 -8.80 -1.59
CA SER A 335 -35.08 -8.13 -2.01
C SER A 335 -34.91 -6.61 -2.11
N CYS A 336 -34.19 -6.05 -1.16
CA CYS A 336 -33.96 -4.61 -1.11
C CYS A 336 -32.56 -4.39 -0.59
N ILE A 337 -31.99 -3.23 -0.83
CA ILE A 337 -30.65 -2.98 -0.30
C ILE A 337 -30.77 -2.16 0.99
N ASN A 338 -30.27 -2.72 2.09
CA ASN A 338 -30.29 -2.05 3.40
C ASN A 338 -29.13 -1.07 3.49
N ARG A 339 -29.13 -0.24 4.54
CA ARG A 339 -28.08 0.73 4.78
C ARG A 339 -27.63 0.59 6.21
N CYS A 340 -26.35 0.40 6.42
CA CYS A 340 -25.81 0.24 7.78
C CYS A 340 -24.87 1.40 8.03
N PHE A 341 -24.28 1.45 9.22
CA PHE A 341 -23.34 2.52 9.53
C PHE A 341 -22.32 2.13 10.60
N TYR A 342 -21.12 2.70 10.55
CA TYR A 342 -20.11 2.36 11.55
C TYR A 342 -19.86 3.59 12.41
N VAL A 343 -19.29 3.41 13.60
CA VAL A 343 -18.96 4.58 14.42
C VAL A 343 -17.59 4.46 15.10
N GLU A 344 -16.66 5.34 14.74
CA GLU A 344 -15.33 5.28 15.33
C GLU A 344 -15.27 5.87 16.73
N LEU A 345 -14.78 5.09 17.69
CA LEU A 345 -14.66 5.56 19.07
C LEU A 345 -13.19 5.75 19.40
N ILE A 346 -12.76 7.00 19.35
CA ILE A 346 -11.37 7.33 19.58
C ILE A 346 -11.00 7.53 21.05
N ARG A 347 -9.82 7.03 21.43
CA ARG A 347 -9.30 7.16 22.80
C ARG A 347 -7.90 7.73 22.70
N GLY A 348 -7.33 8.09 23.84
CA GLY A 348 -5.98 8.59 23.84
C GLY A 348 -5.79 10.09 23.79
N ARG A 349 -4.54 10.45 23.51
CA ARG A 349 -4.10 11.83 23.48
C ARG A 349 -4.90 12.90 22.79
N LYS A 350 -4.70 14.07 23.38
CA LYS A 350 -5.30 15.36 23.07
C LYS A 350 -6.39 15.36 24.14
N GLN A 351 -7.50 14.63 23.91
CA GLN A 351 -8.58 14.57 24.92
C GLN A 351 -8.03 13.91 26.19
N GLU A 352 -7.74 12.60 26.11
CA GLU A 352 -7.21 11.83 27.24
C GLU A 352 -5.69 12.05 27.36
N THR A 353 -5.21 12.30 28.58
CA THR A 353 -3.82 12.64 28.79
C THR A 353 -2.86 11.64 29.42
N ARG A 354 -3.39 10.65 30.13
CA ARG A 354 -2.52 9.67 30.78
C ARG A 354 -1.56 9.02 29.79
N VAL A 355 -2.08 8.74 28.61
CA VAL A 355 -1.36 8.10 27.53
C VAL A 355 -0.88 9.09 26.46
N TRP A 356 0.07 8.67 25.62
CA TRP A 356 0.60 9.56 24.57
C TRP A 356 0.25 9.15 23.16
N TRP A 357 -0.65 8.18 23.00
CA TRP A 357 -1.06 7.68 21.66
C TRP A 357 -2.48 8.08 21.27
N THR A 358 -2.88 7.74 20.06
CA THR A 358 -4.24 8.06 19.63
C THR A 358 -4.65 6.89 18.77
N SER A 359 -5.77 6.28 19.09
CA SER A 359 -6.24 5.10 18.35
C SER A 359 -7.74 5.01 18.54
N ASN A 360 -8.39 4.19 17.73
CA ASN A 360 -9.82 4.06 17.85
C ASN A 360 -10.20 2.60 17.88
N SER A 361 -11.49 2.36 18.10
CA SER A 361 -12.09 1.03 18.14
C SER A 361 -13.37 1.22 17.35
N ILE A 362 -14.18 0.19 17.15
CA ILE A 362 -15.40 0.43 16.41
C ILE A 362 -16.64 -0.33 16.94
N VAL A 363 -17.81 0.09 16.45
CA VAL A 363 -19.10 -0.54 16.77
C VAL A 363 -19.81 -0.40 15.45
N VAL A 364 -20.82 -1.21 15.20
CA VAL A 364 -21.53 -1.07 13.94
C VAL A 364 -22.89 -1.75 14.01
N PHE A 365 -23.88 -1.03 13.50
CA PHE A 365 -25.25 -1.49 13.54
C PHE A 365 -25.79 -1.56 12.14
N CYS A 366 -26.96 -2.16 12.00
CA CYS A 366 -27.56 -2.24 10.67
C CYS A 366 -29.04 -2.02 10.71
N GLY A 367 -29.55 -1.42 9.64
CA GLY A 367 -30.98 -1.16 9.56
C GLY A 367 -31.84 -2.40 9.71
N THR A 368 -32.92 -2.26 10.45
CA THR A 368 -33.81 -3.39 10.61
C THR A 368 -35.23 -2.97 10.36
N SER A 369 -36.05 -3.96 10.03
CA SER A 369 -37.47 -3.75 9.79
C SER A 369 -38.23 -4.31 11.00
N GLY A 370 -37.50 -5.09 11.80
CA GLY A 370 -38.07 -5.69 12.99
C GLY A 370 -37.97 -4.73 14.15
N THR A 371 -38.39 -5.22 15.32
CA THR A 371 -38.42 -4.47 16.57
C THR A 371 -37.06 -4.49 17.26
N TYR A 372 -36.83 -3.59 18.23
CA TYR A 372 -35.54 -3.52 18.94
C TYR A 372 -35.66 -3.03 20.39
N GLY A 373 -34.52 -2.88 21.07
CA GLY A 373 -34.59 -2.50 22.47
C GLY A 373 -33.81 -1.28 22.87
N THR A 374 -32.83 -1.43 23.76
CA THR A 374 -32.05 -0.26 24.21
C THR A 374 -30.61 -0.56 24.70
N GLY A 375 -29.73 0.45 24.67
CA GLY A 375 -28.36 0.24 25.13
C GLY A 375 -27.35 1.35 24.86
N SER A 376 -26.08 1.03 25.10
CA SER A 376 -24.97 1.96 24.90
C SER A 376 -23.76 1.08 24.86
N TRP A 377 -23.28 0.84 23.63
CA TRP A 377 -22.12 -0.02 23.39
C TRP A 377 -20.87 0.77 23.09
N PRO A 378 -20.10 1.12 24.12
CA PRO A 378 -18.89 1.89 23.89
C PRO A 378 -17.58 1.10 23.93
N ASP A 379 -16.46 1.83 24.03
CA ASP A 379 -15.14 1.24 24.06
C ASP A 379 -14.96 0.24 25.23
N GLY A 380 -14.66 0.77 26.41
CA GLY A 380 -14.47 -0.08 27.56
C GLY A 380 -13.02 -0.23 27.97
N ALA A 381 -12.21 0.79 27.76
CA ALA A 381 -10.81 0.69 28.13
C ALA A 381 -10.45 1.58 29.28
N ASN A 382 -10.19 0.98 30.43
CA ASN A 382 -9.80 1.78 31.56
C ASN A 382 -8.43 2.33 31.22
N ILE A 383 -8.37 3.65 31.12
CA ILE A 383 -7.17 4.38 30.78
C ILE A 383 -6.06 4.16 31.80
N ASN A 384 -6.45 3.77 32.98
CA ASN A 384 -5.47 3.50 34.02
C ASN A 384 -4.90 2.11 33.78
N PHE A 385 -5.64 1.26 33.09
CA PHE A 385 -5.15 -0.09 32.80
C PHE A 385 -4.15 -0.05 31.61
N MET A 386 -4.54 0.63 30.53
CA MET A 386 -3.74 0.79 29.31
C MET A 386 -2.28 1.25 29.46
N PRO A 387 -1.37 0.68 28.63
CA PRO A 387 0.05 1.05 28.69
C PRO A 387 0.32 2.44 28.15
N ILE A 388 1.43 2.99 28.64
CA ILE A 388 1.98 4.33 28.35
C ILE A 388 1.54 5.32 29.41
N VAL B 1 -5.72 -23.47 -16.26
CA VAL B 1 -4.49 -22.65 -16.07
C VAL B 1 -3.56 -22.83 -17.26
N GLU B 2 -3.29 -21.73 -17.96
CA GLU B 2 -2.40 -21.74 -19.11
C GLU B 2 -1.04 -21.29 -18.63
N TYR B 3 -0.02 -21.43 -19.48
CA TYR B 3 1.34 -21.01 -19.11
C TYR B 3 1.59 -19.53 -19.41
N ARG B 4 2.47 -18.92 -18.63
CA ARG B 4 2.85 -17.52 -18.84
C ARG B 4 3.82 -17.50 -20.03
N ASN B 5 3.90 -16.35 -20.70
CA ASN B 5 4.77 -16.18 -21.87
C ASN B 5 5.09 -14.70 -22.11
N TRP B 6 4.25 -13.82 -21.56
CA TRP B 6 4.41 -12.37 -21.65
C TRP B 6 4.50 -11.70 -23.05
N SER B 7 3.63 -12.04 -23.99
CA SER B 7 3.70 -11.40 -25.31
C SER B 7 2.94 -10.06 -25.43
N LYS B 8 3.12 -9.18 -24.45
CA LYS B 8 2.46 -7.86 -24.43
C LYS B 8 3.51 -6.75 -24.37
N PRO B 9 3.25 -5.65 -25.08
CA PRO B 9 4.16 -4.52 -25.11
C PRO B 9 4.33 -3.96 -23.72
N GLN B 10 5.53 -3.58 -23.36
CA GLN B 10 5.81 -3.00 -22.05
C GLN B 10 5.05 -1.68 -21.97
N CYS B 11 4.50 -1.39 -20.80
CA CYS B 11 3.71 -0.18 -20.59
C CYS B 11 4.58 1.05 -20.61
N GLN B 12 4.16 2.07 -21.36
CA GLN B 12 4.91 3.33 -21.44
C GLN B 12 4.68 4.05 -20.13
N ILE B 13 5.67 3.99 -19.26
CA ILE B 13 5.56 4.63 -17.95
C ILE B 13 5.99 6.09 -17.98
N THR B 14 5.78 6.78 -16.86
CA THR B 14 6.07 8.22 -16.75
C THR B 14 6.71 8.53 -15.40
N GLY B 15 6.95 7.46 -14.66
CA GLY B 15 7.52 7.56 -13.32
C GLY B 15 6.88 6.47 -12.46
N PHE B 16 7.16 6.51 -11.17
CA PHE B 16 6.66 5.49 -10.28
C PHE B 16 5.70 5.98 -9.21
N ALA B 17 4.53 5.34 -9.14
CA ALA B 17 3.51 5.68 -8.14
C ALA B 17 3.71 4.81 -6.89
N PRO B 18 3.27 5.29 -5.72
CA PRO B 18 3.40 4.53 -4.48
C PRO B 18 2.53 3.22 -4.52
N PHE B 19 3.09 2.07 -4.11
CA PHE B 19 2.36 0.80 -4.17
C PHE B 19 2.25 -0.05 -2.88
N SER B 20 3.29 -0.05 -2.04
CA SER B 20 3.27 -0.84 -0.80
C SER B 20 4.44 -0.55 0.12
N LYS B 21 4.31 -0.94 1.37
CA LYS B 21 5.33 -0.72 2.41
C LYS B 21 4.87 -1.68 3.48
N ASP B 22 5.77 -2.21 4.31
CA ASP B 22 5.31 -3.16 5.33
C ASP B 22 5.74 -2.90 6.76
N ASN B 23 6.40 -1.76 6.99
CA ASN B 23 6.88 -1.35 8.32
C ASN B 23 7.47 -2.40 9.29
N SER B 24 8.15 -3.41 8.75
CA SER B 24 8.73 -4.48 9.56
C SER B 24 9.52 -4.11 10.80
N ILE B 25 10.36 -3.07 10.72
CA ILE B 25 11.18 -2.70 11.87
C ILE B 25 10.43 -2.01 13.00
N ARG B 26 9.50 -1.12 12.65
CA ARG B 26 8.71 -0.40 13.64
C ARG B 26 7.93 -1.39 14.49
N LEU B 27 7.18 -2.25 13.79
CA LEU B 27 6.37 -3.29 14.40
C LEU B 27 7.20 -4.31 15.20
N SER B 28 8.50 -4.40 14.88
CA SER B 28 9.43 -5.32 15.54
C SER B 28 9.75 -4.86 16.93
N ALA B 29 9.38 -3.61 17.25
CA ALA B 29 9.66 -3.06 18.54
C ALA B 29 8.52 -3.35 19.47
N GLY B 30 7.44 -3.90 18.91
CA GLY B 30 6.30 -4.23 19.72
C GLY B 30 5.64 -5.39 19.01
N GLY B 31 6.24 -6.57 19.09
CA GLY B 31 5.66 -7.72 18.42
C GLY B 31 6.70 -8.69 17.90
N ASP B 32 6.30 -9.96 17.79
CA ASP B 32 7.17 -11.04 17.31
C ASP B 32 7.27 -11.09 15.78
N ILE B 33 8.27 -10.38 15.24
CA ILE B 33 8.50 -10.24 13.80
C ILE B 33 9.90 -10.75 13.46
N TRP B 34 10.03 -11.43 12.33
CA TRP B 34 11.29 -12.02 11.90
C TRP B 34 12.44 -11.11 11.57
N VAL B 35 13.66 -11.64 11.70
CA VAL B 35 14.86 -10.90 11.32
C VAL B 35 15.13 -11.37 9.90
N THR B 36 15.27 -10.46 8.95
CA THR B 36 15.57 -10.88 7.58
C THR B 36 16.67 -10.05 6.92
N ARG B 37 16.63 -10.08 5.60
CA ARG B 37 17.51 -9.29 4.73
C ARG B 37 17.32 -9.86 3.36
N GLU B 38 17.92 -9.22 2.38
CA GLU B 38 17.77 -9.70 1.00
C GLU B 38 16.33 -10.01 0.66
N PRO B 39 15.45 -9.01 0.62
CA PRO B 39 14.03 -9.20 0.29
C PRO B 39 13.77 -9.18 -1.21
N TYR B 40 12.51 -9.33 -1.58
CA TYR B 40 12.08 -9.29 -2.97
C TYR B 40 10.60 -9.60 -3.06
N VAL B 41 9.99 -9.33 -4.20
CA VAL B 41 8.59 -9.62 -4.32
C VAL B 41 8.37 -10.19 -5.69
N SER B 42 7.32 -10.98 -5.81
CA SER B 42 7.00 -11.60 -7.07
C SER B 42 5.52 -11.91 -7.06
N CYS B 43 4.83 -11.40 -8.09
CA CYS B 43 3.40 -11.55 -8.30
C CYS B 43 3.04 -12.84 -9.06
N ASP B 44 2.14 -13.64 -8.50
CA ASP B 44 1.69 -14.84 -9.20
C ASP B 44 0.57 -14.30 -10.08
N PRO B 45 0.03 -15.10 -11.01
CA PRO B 45 -1.05 -14.56 -11.84
C PRO B 45 -2.14 -13.77 -11.12
N VAL B 46 -2.34 -14.06 -9.83
CA VAL B 46 -3.36 -13.37 -9.02
C VAL B 46 -2.88 -12.32 -8.04
N LYS B 47 -1.92 -12.63 -7.16
CA LYS B 47 -1.48 -11.59 -6.24
C LYS B 47 0.01 -11.59 -5.91
N CYS B 48 0.50 -10.43 -5.50
CA CYS B 48 1.91 -10.25 -5.16
C CYS B 48 2.24 -10.75 -3.77
N TYR B 49 3.34 -11.48 -3.68
CA TYR B 49 3.83 -12.04 -2.43
C TYR B 49 5.18 -11.45 -2.16
N GLN B 50 5.51 -11.28 -0.88
CA GLN B 50 6.81 -10.73 -0.54
C GLN B 50 7.74 -11.75 0.13
N PHE B 51 8.95 -11.88 -0.42
CA PHE B 51 9.97 -12.80 0.08
C PHE B 51 11.13 -12.12 0.78
N ALA B 52 11.93 -12.92 1.49
CA ALA B 52 13.11 -12.41 2.20
C ALA B 52 13.86 -13.63 2.76
N LEU B 53 15.08 -13.45 3.24
CA LEU B 53 15.85 -14.56 3.79
C LEU B 53 15.93 -14.37 5.29
N GLY B 54 15.03 -14.98 6.04
CA GLY B 54 15.08 -14.80 7.49
C GLY B 54 16.17 -15.59 8.20
N GLN B 55 16.74 -15.03 9.26
CA GLN B 55 17.80 -15.70 10.03
C GLN B 55 17.43 -16.61 11.20
N GLY B 56 16.52 -17.55 10.94
CA GLY B 56 16.07 -18.50 11.95
C GLY B 56 15.82 -17.91 13.32
N THR B 57 15.22 -16.71 13.38
CA THR B 57 14.96 -16.05 14.67
C THR B 57 14.10 -14.78 14.52
N THR B 58 13.60 -14.27 15.65
CA THR B 58 12.83 -13.04 15.65
C THR B 58 13.76 -11.91 16.16
N LEU B 59 13.36 -10.65 15.97
CA LEU B 59 14.17 -9.51 16.36
C LEU B 59 14.39 -9.37 17.86
N ASP B 60 13.31 -9.37 18.66
CA ASP B 60 13.47 -9.27 20.13
C ASP B 60 13.63 -10.68 20.67
N ASN B 61 14.68 -11.31 20.20
CA ASN B 61 15.06 -12.67 20.57
C ASN B 61 16.51 -12.44 20.99
N LYS B 62 17.12 -13.38 21.72
CA LYS B 62 18.54 -13.19 22.06
C LYS B 62 19.37 -13.78 20.93
N HIS B 63 18.69 -14.50 20.05
CA HIS B 63 19.36 -15.12 18.92
C HIS B 63 19.62 -14.11 17.85
N SER B 64 19.04 -12.91 17.99
CA SER B 64 19.27 -11.91 16.95
C SER B 64 20.73 -11.39 16.93
N ASN B 65 21.41 -11.52 18.07
CA ASN B 65 22.81 -11.08 18.17
C ASN B 65 23.70 -11.64 17.07
N ASP B 66 24.39 -10.76 16.36
CA ASP B 66 25.28 -11.12 15.25
C ASP B 66 24.64 -11.57 13.94
N THR B 67 23.54 -10.94 13.55
CA THR B 67 22.91 -11.31 12.29
C THR B 67 23.52 -10.59 11.07
N VAL B 68 24.70 -10.00 11.23
CA VAL B 68 25.34 -9.32 10.10
C VAL B 68 25.87 -10.39 9.17
N HIS B 69 26.14 -11.58 9.72
CA HIS B 69 26.64 -12.70 8.92
C HIS B 69 25.61 -13.12 7.88
N ASP B 70 26.08 -13.22 6.64
CA ASP B 70 25.20 -13.58 5.54
C ASP B 70 24.73 -15.01 5.48
N ARG B 71 25.57 -15.96 5.92
CA ARG B 71 25.21 -17.37 5.83
C ARG B 71 25.24 -18.21 7.12
N ILE B 72 24.17 -18.97 7.36
CA ILE B 72 24.03 -19.88 8.51
C ILE B 72 23.08 -20.96 8.07
N PRO B 73 23.17 -22.16 8.66
CA PRO B 73 22.24 -23.23 8.24
C PRO B 73 20.79 -22.89 8.58
N HIS B 74 20.60 -22.24 9.72
CA HIS B 74 19.30 -21.82 10.22
C HIS B 74 18.84 -20.56 9.46
N ARG B 75 18.72 -20.66 8.13
CA ARG B 75 18.33 -19.54 7.28
C ARG B 75 17.32 -20.13 6.31
N THR B 76 16.23 -19.42 6.09
CA THR B 76 15.16 -19.94 5.26
C THR B 76 14.41 -18.90 4.42
N LEU B 77 13.71 -19.38 3.41
CA LEU B 77 12.94 -18.50 2.52
C LEU B 77 11.53 -18.17 3.06
N LEU B 78 11.38 -17.06 3.78
CA LEU B 78 10.08 -16.65 4.30
C LEU B 78 9.25 -16.19 3.12
N MET B 79 7.94 -16.39 3.20
CA MET B 79 7.03 -15.96 2.13
C MET B 79 5.59 -15.66 2.62
N ASN B 80 5.16 -14.40 2.51
CA ASN B 80 3.79 -13.97 2.88
C ASN B 80 3.22 -13.22 1.69
N GLU B 81 2.02 -12.67 1.82
CA GLU B 81 1.43 -11.87 0.74
C GLU B 81 2.02 -10.47 0.90
N LEU B 82 1.99 -9.67 -0.17
CA LEU B 82 2.55 -8.33 -0.09
C LEU B 82 1.72 -7.45 0.85
N GLY B 83 2.37 -6.93 1.88
CA GLY B 83 1.63 -6.09 2.79
C GLY B 83 1.67 -6.69 4.17
N VAL B 84 1.46 -7.98 4.26
CA VAL B 84 1.52 -8.63 5.56
C VAL B 84 2.96 -8.95 5.95
N PRO B 85 3.44 -8.38 7.06
CA PRO B 85 4.81 -8.64 7.46
C PRO B 85 5.12 -10.08 7.89
N PHE B 86 6.41 -10.36 8.09
CA PHE B 86 6.85 -11.69 8.49
C PHE B 86 6.74 -11.91 9.99
N HIS B 87 5.55 -12.32 10.39
CA HIS B 87 5.21 -12.62 11.78
C HIS B 87 5.43 -14.12 12.08
N LEU B 88 5.22 -14.51 13.35
CA LEU B 88 5.40 -15.88 13.78
C LEU B 88 4.60 -16.99 13.08
N GLY B 89 3.73 -16.64 12.15
CA GLY B 89 2.98 -17.69 11.48
C GLY B 89 3.29 -17.77 10.02
N THR B 90 4.41 -17.16 9.63
CA THR B 90 4.85 -17.12 8.24
C THR B 90 5.45 -18.49 7.93
N ARG B 91 5.15 -19.04 6.76
CA ARG B 91 5.71 -20.36 6.43
C ARG B 91 7.16 -20.19 5.97
N GLN B 92 7.97 -21.21 6.18
CA GLN B 92 9.35 -21.14 5.74
C GLN B 92 9.36 -22.09 4.54
N VAL B 93 9.39 -21.48 3.36
CA VAL B 93 9.33 -22.23 2.10
C VAL B 93 10.45 -23.22 1.82
N CYS B 94 11.64 -23.01 2.41
CA CYS B 94 12.78 -23.91 2.21
C CYS B 94 14.00 -23.43 2.98
N ILE B 95 15.07 -24.25 3.03
CA ILE B 95 16.32 -23.85 3.73
C ILE B 95 17.13 -23.09 2.69
N ALA B 96 17.62 -21.90 3.05
CA ALA B 96 18.33 -21.10 2.05
C ALA B 96 19.05 -19.85 2.55
N TRP B 97 20.15 -19.52 1.88
CA TRP B 97 20.90 -18.28 2.14
C TRP B 97 20.99 -17.46 0.86
N SER B 98 20.71 -18.12 -0.26
CA SER B 98 20.72 -17.48 -1.56
C SER B 98 19.41 -17.99 -2.19
N SER B 99 18.71 -17.16 -2.98
CA SER B 99 17.42 -17.59 -3.54
C SER B 99 16.90 -16.93 -4.82
N SER B 100 15.73 -17.35 -5.23
CA SER B 100 15.08 -16.84 -6.41
C SER B 100 13.76 -17.58 -6.45
N SER B 101 12.72 -16.96 -7.02
CA SER B 101 11.40 -17.59 -7.11
C SER B 101 10.68 -17.05 -8.33
N CYS B 102 9.95 -17.90 -9.03
CA CYS B 102 9.13 -17.45 -10.14
C CYS B 102 7.89 -18.27 -10.20
N HIS B 103 7.02 -17.99 -11.17
CA HIS B 103 5.78 -18.72 -11.30
C HIS B 103 5.51 -18.92 -12.78
N ASP B 104 5.71 -20.12 -13.28
CA ASP B 104 5.49 -20.39 -14.70
C ASP B 104 4.09 -20.21 -15.25
N GLY B 105 3.16 -19.90 -14.36
CA GLY B 105 1.78 -19.77 -14.79
C GLY B 105 1.08 -20.77 -13.91
N LYS B 106 1.42 -22.05 -14.08
CA LYS B 106 0.83 -23.15 -13.31
C LYS B 106 1.16 -23.10 -11.82
N ALA B 107 2.45 -23.08 -11.47
CA ALA B 107 2.84 -23.04 -10.06
C ALA B 107 4.15 -22.32 -9.80
N TRP B 108 4.61 -22.33 -8.55
CA TRP B 108 5.84 -21.65 -8.20
C TRP B 108 7.16 -22.37 -8.52
N LEU B 109 8.27 -21.80 -8.06
CA LEU B 109 9.60 -22.37 -8.26
C LEU B 109 10.52 -21.64 -7.29
N HIS B 110 11.30 -22.37 -6.51
CA HIS B 110 12.17 -21.68 -5.54
C HIS B 110 13.53 -22.30 -5.57
N VAL B 111 14.54 -21.55 -5.99
CA VAL B 111 15.85 -22.15 -6.01
C VAL B 111 16.46 -21.69 -4.73
N CYS B 112 16.52 -22.65 -3.82
CA CYS B 112 17.03 -22.42 -2.49
C CYS B 112 18.42 -22.99 -2.34
N ILE B 113 19.35 -22.19 -1.80
CA ILE B 113 20.72 -22.63 -1.60
C ILE B 113 21.24 -22.67 -0.16
N THR B 114 21.69 -23.85 0.31
CA THR B 114 22.30 -24.02 1.64
C THR B 114 23.54 -24.92 1.53
N GLY B 115 24.23 -25.09 2.65
CA GLY B 115 25.41 -25.95 2.63
C GLY B 115 26.65 -25.16 2.96
N ASP B 116 27.83 -25.73 2.75
CA ASP B 116 29.05 -24.98 3.05
C ASP B 116 29.47 -24.12 1.86
N ASP B 117 30.30 -23.14 2.16
CA ASP B 117 30.78 -22.23 1.13
C ASP B 117 31.57 -23.01 0.10
N LYS B 118 32.38 -23.97 0.57
CA LYS B 118 33.19 -24.81 -0.32
C LYS B 118 32.40 -25.82 -1.13
N ASN B 119 31.33 -26.39 -0.56
CA ASN B 119 30.48 -27.33 -1.28
C ASN B 119 29.04 -27.05 -0.82
N ALA B 120 28.21 -26.63 -1.77
CA ALA B 120 26.84 -26.31 -1.46
C ALA B 120 25.87 -27.01 -2.40
N THR B 121 24.61 -26.99 -2.01
CA THR B 121 23.57 -27.61 -2.80
C THR B 121 22.45 -26.61 -3.06
N ALA B 122 22.06 -26.54 -4.31
CA ALA B 122 20.99 -25.67 -4.70
C ALA B 122 19.86 -26.64 -5.00
N SER B 123 18.81 -26.58 -4.17
CA SER B 123 17.63 -27.42 -4.34
C SER B 123 16.57 -26.69 -5.17
N PHE B 124 16.01 -27.43 -6.12
CA PHE B 124 14.99 -26.92 -7.00
C PHE B 124 13.63 -27.48 -6.64
N ILE B 125 12.78 -26.63 -6.07
CA ILE B 125 11.44 -27.04 -5.68
C ILE B 125 10.37 -26.44 -6.58
N TYR B 126 9.46 -27.27 -7.08
CA TYR B 126 8.37 -26.82 -7.94
C TYR B 126 7.08 -27.57 -7.66
N ASP B 127 6.03 -26.80 -7.38
CA ASP B 127 4.71 -27.32 -7.09
C ASP B 127 4.73 -27.95 -5.72
N GLY B 128 5.67 -27.51 -4.89
CA GLY B 128 5.72 -28.03 -3.54
C GLY B 128 6.64 -29.20 -3.26
N ARG B 129 6.90 -30.01 -4.28
CA ARG B 129 7.78 -31.13 -4.10
C ARG B 129 9.19 -30.75 -4.59
N LEU B 130 10.21 -31.51 -4.19
CA LEU B 130 11.58 -31.28 -4.61
C LEU B 130 11.82 -32.13 -5.86
N VAL B 131 12.22 -31.50 -6.97
CA VAL B 131 12.42 -32.18 -8.26
C VAL B 131 13.86 -32.46 -8.73
N ASP B 132 14.78 -31.60 -8.32
CA ASP B 132 16.16 -31.73 -8.76
C ASP B 132 17.09 -31.00 -7.77
N SER B 133 18.39 -30.98 -8.08
CA SER B 133 19.38 -30.32 -7.23
C SER B 133 20.67 -30.28 -8.01
N ILE B 134 21.56 -29.39 -7.60
CA ILE B 134 22.82 -29.16 -8.28
C ILE B 134 23.97 -28.89 -7.28
N GLY B 135 25.15 -29.39 -7.59
CA GLY B 135 26.27 -29.19 -6.69
C GLY B 135 27.08 -27.98 -7.05
N SER B 136 27.88 -27.50 -6.10
CA SER B 136 28.75 -26.36 -6.39
C SER B 136 29.72 -26.78 -7.51
N TRP B 137 30.06 -25.86 -8.42
CA TRP B 137 30.98 -26.18 -9.52
C TRP B 137 32.32 -25.45 -9.49
N SER B 138 32.72 -24.95 -8.33
CA SER B 138 33.99 -24.26 -8.25
C SER B 138 34.42 -24.10 -6.81
N GLN B 139 33.66 -24.69 -5.90
CA GLN B 139 33.95 -24.62 -4.46
C GLN B 139 34.01 -23.26 -3.79
N ASN B 140 33.41 -22.23 -4.41
CA ASN B 140 33.39 -20.92 -3.75
C ASN B 140 32.06 -20.18 -3.77
N ILE B 141 31.33 -20.36 -2.67
CA ILE B 141 30.01 -19.80 -2.35
C ILE B 141 28.97 -19.63 -3.44
N LEU B 142 28.54 -20.73 -4.03
CA LEU B 142 27.48 -20.77 -5.08
C LEU B 142 26.25 -19.88 -4.77
N ARG B 143 26.03 -18.84 -5.56
CA ARG B 143 24.90 -17.95 -5.32
C ARG B 143 23.96 -17.71 -6.52
N THR B 144 22.80 -17.10 -6.28
CA THR B 144 21.82 -16.83 -7.35
C THR B 144 21.11 -15.43 -7.37
N GLN B 145 20.25 -15.20 -8.38
CA GLN B 145 19.56 -13.91 -8.60
C GLN B 145 19.21 -12.99 -7.44
N GLU B 146 18.78 -13.56 -6.31
CA GLU B 146 18.40 -12.81 -5.13
C GLU B 146 17.11 -12.00 -5.33
N SER B 147 16.40 -12.31 -6.42
CA SER B 147 15.13 -11.65 -6.80
C SER B 147 14.34 -12.62 -7.72
N GLU B 148 13.23 -12.14 -8.28
CA GLU B 148 12.41 -13.03 -9.13
C GLU B 148 12.99 -13.44 -10.48
N CYS B 149 12.89 -14.74 -10.76
CA CYS B 149 13.36 -15.32 -12.03
C CYS B 149 12.22 -15.16 -13.02
N VAL B 150 12.46 -15.43 -14.29
CA VAL B 150 11.37 -15.30 -15.26
C VAL B 150 11.12 -16.51 -16.15
N CYS B 151 9.86 -16.91 -16.23
CA CYS B 151 9.49 -18.08 -17.00
C CYS B 151 8.64 -17.70 -18.20
N ILE B 152 9.15 -17.99 -19.40
CA ILE B 152 8.38 -17.74 -20.63
C ILE B 152 8.04 -19.16 -21.13
N ASN B 153 6.82 -19.35 -21.62
CA ASN B 153 6.35 -20.62 -22.18
C ASN B 153 6.77 -21.89 -21.46
N GLY B 154 6.39 -22.04 -20.21
CA GLY B 154 6.74 -23.25 -19.50
C GLY B 154 8.16 -23.44 -19.02
N THR B 155 9.10 -22.61 -19.48
CA THR B 155 10.51 -22.73 -19.10
C THR B 155 11.08 -21.60 -18.22
N CYS B 156 11.48 -21.90 -16.99
CA CYS B 156 12.01 -20.83 -16.15
C CYS B 156 13.51 -20.68 -16.32
N THR B 157 14.02 -19.48 -16.11
CA THR B 157 15.45 -19.23 -16.26
C THR B 157 16.06 -18.45 -15.09
N VAL B 158 17.05 -19.02 -14.43
CA VAL B 158 17.70 -18.30 -13.34
C VAL B 158 19.21 -18.28 -13.61
N VAL B 159 19.84 -17.12 -13.56
CA VAL B 159 21.26 -17.09 -13.81
C VAL B 159 21.89 -17.42 -12.46
N MET B 160 23.06 -18.04 -12.49
CA MET B 160 23.75 -18.47 -11.28
C MET B 160 25.29 -18.34 -11.40
N THR B 161 25.90 -17.91 -10.31
CA THR B 161 27.33 -17.74 -10.25
C THR B 161 27.96 -18.39 -9.04
N ASP B 162 29.15 -18.92 -9.25
CA ASP B 162 29.96 -19.61 -8.25
C ASP B 162 31.42 -19.32 -8.62
N GLY B 163 32.18 -18.79 -7.67
CA GLY B 163 33.58 -18.46 -7.92
C GLY B 163 33.89 -17.36 -6.94
N SER B 164 34.90 -16.51 -7.19
CA SER B 164 35.21 -15.43 -6.23
C SER B 164 34.47 -14.12 -6.51
N ALA B 165 34.04 -13.41 -5.45
CA ALA B 165 33.31 -12.13 -5.56
C ALA B 165 34.17 -11.01 -6.16
N SER B 166 35.36 -10.82 -5.63
CA SER B 166 36.30 -9.80 -6.11
C SER B 166 37.51 -10.50 -6.71
N GLY B 167 37.25 -11.02 -7.90
CA GLY B 167 38.21 -11.75 -8.68
C GLY B 167 37.25 -12.36 -9.66
N ARG B 168 37.71 -12.92 -10.75
CA ARG B 168 36.78 -13.53 -11.70
C ARG B 168 36.03 -14.76 -11.13
N ALA B 169 34.90 -15.10 -11.74
CA ALA B 169 34.13 -16.24 -11.28
C ALA B 169 33.51 -17.03 -12.42
N ASP B 170 32.86 -18.12 -12.04
CA ASP B 170 32.21 -19.01 -12.98
C ASP B 170 30.69 -18.83 -12.92
N THR B 171 30.13 -18.21 -13.94
CA THR B 171 28.70 -17.95 -14.02
C THR B 171 28.09 -18.73 -15.18
N ARG B 172 26.88 -19.24 -15.00
CA ARG B 172 26.15 -19.93 -16.07
C ARG B 172 24.66 -19.61 -15.90
N ILE B 173 23.86 -19.89 -16.91
CA ILE B 173 22.43 -19.56 -16.88
C ILE B 173 21.70 -20.86 -17.11
N LEU B 174 21.07 -21.36 -16.05
CA LEU B 174 20.37 -22.64 -16.14
C LEU B 174 18.95 -22.43 -16.55
N PHE B 175 18.46 -23.30 -17.41
CA PHE B 175 17.09 -23.28 -17.90
C PHE B 175 16.41 -24.47 -17.22
N ILE B 176 15.67 -24.18 -16.15
CA ILE B 176 15.03 -25.24 -15.36
C ILE B 176 13.49 -25.31 -15.41
N GLU B 177 12.96 -26.13 -16.30
CA GLU B 177 11.51 -26.28 -16.48
C GLU B 177 10.78 -27.47 -15.81
N GLU B 178 9.83 -27.14 -14.93
CA GLU B 178 9.01 -28.06 -14.09
C GLU B 178 9.81 -28.53 -12.88
N GLY B 179 10.75 -27.68 -12.45
CA GLY B 179 11.62 -28.03 -11.34
C GLY B 179 12.85 -28.81 -11.83
N LYS B 180 12.75 -29.34 -13.05
CA LYS B 180 13.81 -30.14 -13.69
C LYS B 180 14.74 -29.28 -14.56
N ILE B 181 16.05 -29.39 -14.36
CA ILE B 181 17.01 -28.66 -15.18
C ILE B 181 17.10 -29.30 -16.58
N VAL B 182 16.76 -28.55 -17.61
CA VAL B 182 16.85 -29.09 -18.96
C VAL B 182 17.90 -28.43 -19.85
N HIS B 183 18.83 -27.71 -19.21
CA HIS B 183 19.93 -27.07 -19.93
C HIS B 183 20.68 -26.16 -19.01
N ILE B 184 21.91 -25.90 -19.39
CA ILE B 184 22.81 -24.99 -18.67
C ILE B 184 23.64 -24.41 -19.83
N SER B 185 24.01 -23.15 -19.68
CA SER B 185 24.78 -22.45 -20.69
C SER B 185 25.67 -21.49 -19.92
N PRO B 186 26.93 -21.32 -20.34
CA PRO B 186 27.82 -20.41 -19.63
C PRO B 186 27.69 -18.98 -20.20
N LEU B 187 28.35 -18.03 -19.55
CA LEU B 187 28.30 -16.63 -19.98
C LEU B 187 29.04 -16.36 -21.33
N ALA B 188 28.49 -15.44 -22.11
CA ALA B 188 29.04 -15.05 -23.41
C ALA B 188 28.92 -13.54 -23.52
N GLY B 189 29.77 -12.90 -24.34
CA GLY B 189 29.72 -11.45 -24.49
C GLY B 189 30.82 -10.75 -23.71
N SER B 190 30.71 -9.44 -23.60
CA SER B 190 31.71 -8.60 -22.93
C SER B 190 31.77 -8.37 -21.40
N ALA B 191 30.94 -9.05 -20.61
CA ALA B 191 30.91 -8.79 -19.16
C ALA B 191 31.97 -9.51 -18.33
N GLN B 192 32.52 -8.79 -17.35
CA GLN B 192 33.60 -9.30 -16.49
C GLN B 192 33.26 -10.00 -15.17
N HIS B 193 32.14 -9.66 -14.56
CA HIS B 193 31.76 -10.25 -13.29
C HIS B 193 30.27 -10.04 -13.10
N VAL B 194 29.51 -11.12 -13.25
CA VAL B 194 28.07 -11.05 -13.11
C VAL B 194 27.61 -11.63 -11.80
N GLU B 195 27.04 -10.78 -10.98
CA GLU B 195 26.45 -11.23 -9.72
C GLU B 195 25.04 -10.61 -9.67
N GLU B 196 24.24 -11.09 -8.71
CA GLU B 196 22.87 -10.65 -8.40
C GLU B 196 21.95 -10.07 -9.50
N CYS B 197 21.70 -10.83 -10.56
CA CYS B 197 20.87 -10.32 -11.64
C CYS B 197 19.38 -10.06 -11.39
N SER B 198 18.96 -8.86 -11.80
CA SER B 198 17.58 -8.41 -11.74
C SER B 198 17.16 -8.74 -13.13
N CYS B 199 16.30 -9.72 -13.30
CA CYS B 199 15.92 -10.09 -14.66
C CYS B 199 14.46 -9.93 -14.97
N TYR B 200 14.16 -9.29 -16.08
CA TYR B 200 12.78 -9.08 -16.47
C TYR B 200 12.49 -9.70 -17.83
N PRO B 201 11.23 -10.06 -18.10
CA PRO B 201 10.90 -10.65 -19.39
C PRO B 201 10.72 -9.55 -20.43
N ARG B 202 11.27 -9.79 -21.62
CA ARG B 202 11.20 -8.89 -22.75
C ARG B 202 11.03 -9.84 -23.91
N TYR B 203 9.79 -10.06 -24.33
CA TYR B 203 9.55 -11.00 -25.40
C TYR B 203 10.44 -10.81 -26.62
N PRO B 204 10.99 -11.91 -27.15
CA PRO B 204 10.84 -13.29 -26.71
C PRO B 204 12.07 -13.79 -25.97
N GLY B 205 12.55 -13.02 -25.01
CA GLY B 205 13.73 -13.43 -24.26
C GLY B 205 13.73 -12.94 -22.83
N VAL B 206 14.89 -12.83 -22.21
CA VAL B 206 14.95 -12.34 -20.84
C VAL B 206 16.15 -11.40 -20.78
N ARG B 207 16.10 -10.36 -19.96
CA ARG B 207 17.22 -9.42 -19.82
C ARG B 207 17.60 -9.27 -18.36
N CYS B 208 18.88 -9.08 -18.08
CA CYS B 208 19.32 -8.95 -16.69
C CYS B 208 20.29 -7.78 -16.42
N ILE B 209 19.97 -6.90 -15.49
CA ILE B 209 20.90 -5.83 -15.19
C ILE B 209 21.48 -6.33 -13.88
N CYS B 210 22.76 -6.69 -13.90
CA CYS B 210 23.40 -7.26 -12.70
C CYS B 210 24.34 -6.48 -11.78
N ARG B 211 25.34 -7.18 -11.24
CA ARG B 211 26.31 -6.56 -10.31
C ARG B 211 27.78 -6.91 -10.48
N ASP B 212 28.54 -6.11 -11.21
CA ASP B 212 29.96 -6.36 -11.35
C ASP B 212 30.59 -5.97 -10.01
N ASN B 213 30.98 -6.99 -9.25
CA ASN B 213 31.57 -6.83 -7.92
C ASN B 213 33.10 -6.78 -7.89
N TRP B 214 33.72 -6.87 -9.07
CA TRP B 214 35.19 -6.87 -9.18
C TRP B 214 35.82 -5.70 -9.95
N LYS B 215 35.42 -5.49 -11.19
CA LYS B 215 36.02 -4.43 -12.00
C LYS B 215 35.24 -3.17 -12.37
N GLY B 216 33.94 -3.09 -12.09
CA GLY B 216 33.25 -1.88 -12.50
C GLY B 216 32.06 -1.31 -11.75
N SER B 217 31.91 0.00 -11.91
CA SER B 217 30.83 0.77 -11.31
C SER B 217 29.69 0.71 -12.30
N ASN B 218 30.00 0.38 -13.53
CA ASN B 218 28.95 0.27 -14.52
C ASN B 218 28.28 -1.07 -14.29
N ARG B 219 27.02 -1.22 -14.72
CA ARG B 219 26.30 -2.48 -14.55
C ARG B 219 26.22 -3.35 -15.80
N PRO B 220 26.59 -4.64 -15.63
CA PRO B 220 26.58 -5.66 -16.67
C PRO B 220 25.20 -6.01 -17.08
N VAL B 221 25.04 -6.32 -18.34
CA VAL B 221 23.77 -6.73 -18.88
C VAL B 221 23.94 -8.21 -19.21
N VAL B 222 22.86 -8.97 -19.20
CA VAL B 222 22.93 -10.37 -19.56
C VAL B 222 21.71 -10.63 -20.39
N ASP B 223 21.89 -11.23 -21.56
CA ASP B 223 20.74 -11.49 -22.40
C ASP B 223 20.56 -12.96 -22.65
N ILE B 224 19.41 -13.46 -22.26
CA ILE B 224 19.11 -14.87 -22.44
C ILE B 224 18.06 -15.09 -23.55
N ASN B 225 18.28 -16.10 -24.39
CA ASN B 225 17.33 -16.42 -25.44
C ASN B 225 16.67 -17.73 -25.08
N MET B 226 15.39 -17.64 -24.80
CA MET B 226 14.68 -18.82 -24.37
C MET B 226 14.50 -19.87 -25.45
N GLU B 227 14.61 -19.44 -26.71
CA GLU B 227 14.42 -20.36 -27.83
C GLU B 227 15.74 -20.95 -28.35
N ASP B 228 16.85 -20.58 -27.72
CA ASP B 228 18.14 -21.01 -28.23
C ASP B 228 19.22 -21.40 -27.23
N TYR B 229 19.04 -20.90 -26.00
CA TYR B 229 19.96 -21.13 -24.89
C TYR B 229 21.26 -20.35 -25.12
N SER B 230 21.19 -19.28 -25.91
CA SER B 230 22.34 -18.42 -26.28
C SER B 230 22.44 -17.21 -25.34
N ILE B 231 23.64 -16.90 -24.88
CA ILE B 231 23.85 -15.79 -23.94
C ILE B 231 24.64 -14.61 -24.52
N ASP B 232 24.43 -13.42 -23.97
CA ASP B 232 25.11 -12.23 -24.45
C ASP B 232 25.33 -11.13 -23.37
N SER B 233 26.55 -10.62 -23.29
CA SER B 233 26.87 -9.57 -22.33
C SER B 233 27.02 -8.21 -23.00
N SER B 234 26.99 -7.18 -22.17
CA SER B 234 27.11 -5.79 -22.60
C SER B 234 27.30 -5.09 -21.27
N TYR B 235 27.10 -3.78 -21.30
CA TYR B 235 27.15 -2.93 -20.10
C TYR B 235 26.19 -1.75 -20.35
N VAL B 236 25.82 -1.04 -19.28
CA VAL B 236 24.89 0.04 -19.50
C VAL B 236 25.63 1.31 -19.88
N CYS B 237 25.29 1.80 -21.08
CA CYS B 237 25.84 3.04 -21.63
C CYS B 237 25.79 4.25 -20.70
N SER B 238 24.71 4.36 -19.92
CA SER B 238 24.53 5.46 -18.96
C SER B 238 25.85 6.01 -18.36
N GLY B 239 26.21 7.25 -18.70
CA GLY B 239 27.40 7.87 -18.15
C GLY B 239 27.07 8.09 -16.69
N LEU B 240 25.76 8.27 -16.45
CA LEU B 240 25.23 8.48 -15.10
C LEU B 240 25.43 7.24 -14.25
N VAL B 241 25.43 6.11 -14.94
CA VAL B 241 25.65 4.77 -14.37
C VAL B 241 25.79 4.69 -12.84
N GLY B 242 25.00 3.82 -12.22
CA GLY B 242 25.07 3.72 -10.78
C GLY B 242 25.07 2.39 -10.04
N ASP B 243 26.18 2.17 -9.35
CA ASP B 243 26.42 1.03 -8.49
C ASP B 243 26.87 1.78 -7.23
N THR B 244 27.56 1.13 -6.31
CA THR B 244 28.04 1.78 -5.06
C THR B 244 29.08 0.81 -4.47
N PRO B 245 30.34 1.26 -4.25
CA PRO B 245 30.80 2.63 -4.55
C PRO B 245 30.74 2.99 -6.02
N ARG B 246 30.58 4.30 -6.24
CA ARG B 246 30.49 4.91 -7.55
C ARG B 246 31.53 6.00 -7.45
N ASN B 247 31.97 6.48 -8.62
CA ASN B 247 32.99 7.51 -8.73
C ASN B 247 32.48 8.94 -8.48
N ASP B 248 31.68 9.44 -9.42
CA ASP B 248 31.13 10.79 -9.38
C ASP B 248 30.35 10.87 -10.68
N ASP B 249 29.30 11.68 -10.71
CA ASP B 249 28.46 11.83 -11.91
C ASP B 249 29.06 12.57 -13.09
N ARG B 250 29.98 13.48 -12.80
CA ARG B 250 30.60 14.24 -13.87
C ARG B 250 31.90 13.57 -14.28
N SER B 251 32.29 12.57 -13.48
CA SER B 251 33.53 11.86 -13.70
C SER B 251 33.29 10.37 -13.89
N SER B 252 32.10 10.01 -14.31
CA SER B 252 31.83 8.59 -14.47
C SER B 252 31.74 8.24 -15.94
N ASN B 253 32.21 7.05 -16.28
CA ASN B 253 32.18 6.68 -17.67
C ASN B 253 31.63 5.31 -17.88
N SER B 254 31.22 5.09 -19.11
CA SER B 254 30.73 3.79 -19.54
C SER B 254 30.66 3.86 -21.06
N ASN B 255 31.03 2.76 -21.71
CA ASN B 255 31.03 2.66 -23.15
C ASN B 255 30.11 1.57 -23.65
N CYS B 256 29.31 1.03 -22.73
CA CYS B 256 28.38 -0.08 -23.03
C CYS B 256 29.14 -1.37 -23.33
N ARG B 257 30.47 -1.37 -23.19
CA ARG B 257 31.25 -2.55 -23.55
C ARG B 257 32.00 -3.31 -22.47
N ASP B 258 32.75 -2.57 -21.67
CA ASP B 258 33.56 -3.20 -20.64
C ASP B 258 33.63 -2.38 -19.38
N PRO B 259 34.08 -3.00 -18.27
CA PRO B 259 34.20 -2.27 -17.01
C PRO B 259 34.94 -0.96 -17.13
N ASN B 260 34.39 0.05 -16.48
CA ASN B 260 34.96 1.38 -16.45
C ASN B 260 36.20 1.50 -15.55
N ASN B 261 36.48 0.46 -14.75
CA ASN B 261 37.62 0.46 -13.84
C ASN B 261 37.68 1.71 -12.93
N GLU B 262 36.49 2.15 -12.49
CA GLU B 262 36.33 3.32 -11.60
C GLU B 262 35.75 2.83 -10.31
N ARG B 263 36.60 2.53 -9.33
CA ARG B 263 36.12 2.01 -8.02
C ARG B 263 35.40 0.64 -8.16
N GLY B 264 35.41 0.10 -9.38
CA GLY B 264 34.75 -1.16 -9.72
C GLY B 264 34.39 -2.16 -8.64
N THR B 265 35.38 -2.57 -7.86
CA THR B 265 35.21 -3.56 -6.81
C THR B 265 34.04 -3.24 -5.87
N GLN B 266 33.51 -4.29 -5.25
CA GLN B 266 32.35 -4.22 -4.37
C GLN B 266 31.13 -3.64 -5.09
N GLY B 267 29.98 -3.65 -4.43
CA GLY B 267 28.77 -3.13 -5.05
C GLY B 267 27.51 -3.38 -4.27
N VAL B 268 26.42 -3.61 -4.99
CA VAL B 268 25.11 -3.85 -4.38
C VAL B 268 24.20 -4.31 -5.50
N LYS B 269 23.18 -5.09 -5.18
CA LYS B 269 22.23 -5.57 -6.21
C LYS B 269 21.43 -4.32 -6.64
N GLY B 270 21.14 -4.20 -7.93
CA GLY B 270 20.40 -3.04 -8.41
C GLY B 270 19.49 -3.41 -9.55
N TRP B 271 19.03 -2.43 -10.34
CA TRP B 271 18.12 -2.71 -11.45
C TRP B 271 18.08 -1.55 -12.47
N ALA B 272 17.45 -1.81 -13.62
CA ALA B 272 17.24 -0.82 -14.69
C ALA B 272 16.47 -1.44 -15.86
N PHE B 273 15.92 -0.63 -16.74
CA PHE B 273 15.20 -1.21 -17.86
C PHE B 273 15.14 -0.26 -19.07
N ASP B 274 15.06 -0.85 -20.24
CA ASP B 274 15.02 -0.04 -21.45
C ASP B 274 13.67 0.45 -21.91
N ASN B 275 13.73 1.46 -22.77
CA ASN B 275 12.57 2.01 -23.42
C ASN B 275 13.24 2.66 -24.62
N GLY B 276 13.29 1.92 -25.71
CA GLY B 276 13.93 2.42 -26.92
C GLY B 276 15.41 2.63 -26.65
N ASN B 277 15.80 3.88 -26.63
CA ASN B 277 17.19 4.24 -26.39
C ASN B 277 17.30 4.81 -25.01
N ASP B 278 16.16 4.86 -24.32
CA ASP B 278 16.12 5.41 -22.97
C ASP B 278 16.16 4.33 -21.91
N LEU B 279 16.71 4.72 -20.76
CA LEU B 279 16.87 3.81 -19.66
C LEU B 279 16.38 4.36 -18.31
N TRP B 280 15.29 3.77 -17.80
CA TRP B 280 14.73 4.13 -16.50
C TRP B 280 15.65 3.43 -15.50
N MET B 281 16.00 4.08 -14.40
CA MET B 281 16.91 3.40 -13.51
C MET B 281 16.90 3.89 -12.09
N GLY B 282 17.12 2.97 -11.17
CA GLY B 282 17.16 3.34 -9.78
C GLY B 282 18.61 3.44 -9.38
N ARG B 283 18.88 4.05 -8.24
CA ARG B 283 20.26 4.20 -7.79
C ARG B 283 20.14 4.72 -6.41
N THR B 284 21.19 4.56 -5.61
CA THR B 284 21.12 5.10 -4.26
C THR B 284 21.47 6.54 -4.51
N ILE B 285 21.16 7.43 -3.59
CA ILE B 285 21.54 8.80 -3.83
C ILE B 285 23.08 8.92 -3.75
N SER B 286 23.71 8.21 -2.83
CA SER B 286 25.16 8.35 -2.70
C SER B 286 26.09 7.35 -3.41
N LYS B 287 27.21 7.90 -3.87
CA LYS B 287 28.25 7.15 -4.56
C LYS B 287 29.00 6.23 -3.60
N ASP B 288 29.22 6.70 -2.37
CA ASP B 288 29.93 5.96 -1.34
C ASP B 288 29.18 4.89 -0.54
N LEU B 289 28.01 5.25 0.00
CA LEU B 289 27.20 4.35 0.82
C LEU B 289 25.85 4.03 0.14
N ARG B 290 25.05 3.20 0.82
CA ARG B 290 23.72 2.84 0.34
C ARG B 290 22.73 3.69 1.17
N SER B 291 22.65 4.98 0.88
CA SER B 291 21.75 5.86 1.64
C SER B 291 20.87 6.62 0.68
N GLY B 292 19.56 6.59 0.93
CA GLY B 292 18.60 7.27 0.07
C GLY B 292 18.45 6.51 -1.25
N TYR B 293 17.47 6.88 -2.06
CA TYR B 293 17.30 6.21 -3.34
C TYR B 293 16.66 7.20 -4.30
N GLU B 294 17.03 7.12 -5.57
CA GLU B 294 16.51 8.02 -6.58
C GLU B 294 16.32 7.23 -7.88
N THR B 295 15.29 7.61 -8.63
CA THR B 295 14.99 7.00 -9.93
C THR B 295 14.95 8.12 -10.98
N PHE B 296 15.17 7.79 -12.24
CA PHE B 296 15.14 8.77 -13.33
C PHE B 296 15.39 8.13 -14.66
N LYS B 297 14.92 8.78 -15.71
CA LYS B 297 15.16 8.26 -17.05
C LYS B 297 16.36 9.01 -17.56
N VAL B 298 17.27 8.30 -18.20
CA VAL B 298 18.47 8.89 -18.78
C VAL B 298 18.24 8.89 -20.25
N ILE B 299 18.26 10.08 -20.83
CA ILE B 299 18.06 10.20 -22.26
C ILE B 299 19.21 9.53 -23.00
N GLY B 300 18.88 8.65 -23.94
CA GLY B 300 19.90 7.94 -24.68
C GLY B 300 20.75 7.02 -23.80
N GLY B 301 20.20 6.68 -22.64
CA GLY B 301 20.90 5.82 -21.70
C GLY B 301 21.00 4.36 -22.07
N TRP B 302 20.38 3.96 -23.15
CA TRP B 302 20.45 2.57 -23.57
C TRP B 302 21.16 2.36 -24.90
N SER B 303 21.26 3.40 -25.70
CA SER B 303 21.89 3.25 -26.99
C SER B 303 23.03 4.17 -27.30
N THR B 304 23.30 5.12 -26.41
CA THR B 304 24.40 6.01 -26.67
C THR B 304 25.40 5.91 -25.55
N PRO B 305 26.62 5.48 -25.88
CA PRO B 305 27.65 5.34 -24.84
C PRO B 305 27.88 6.61 -24.07
N ASN B 306 28.08 6.46 -22.78
CA ASN B 306 28.35 7.57 -21.88
C ASN B 306 27.38 8.78 -21.86
N SER B 307 26.08 8.55 -22.10
CA SER B 307 25.12 9.66 -22.06
C SER B 307 24.76 9.96 -20.62
N LYS B 308 24.99 11.19 -20.18
CA LYS B 308 24.67 11.53 -18.79
C LYS B 308 23.60 12.64 -18.72
N SER B 309 22.56 12.50 -19.54
CA SER B 309 21.46 13.46 -19.58
C SER B 309 20.18 12.88 -19.00
N GLN B 310 19.78 13.32 -17.80
CA GLN B 310 18.56 12.79 -17.14
C GLN B 310 17.28 13.61 -17.12
N ILE B 311 16.14 12.96 -17.31
CA ILE B 311 14.82 13.61 -17.23
C ILE B 311 13.94 12.72 -16.34
N ASN B 312 13.04 13.33 -15.58
CA ASN B 312 12.10 12.61 -14.68
C ASN B 312 12.70 11.89 -13.46
N ARG B 313 13.09 12.67 -12.45
CA ARG B 313 13.68 12.11 -11.23
C ARG B 313 12.70 12.11 -10.09
N GLN B 314 12.87 11.13 -9.22
CA GLN B 314 12.03 10.98 -8.05
C GLN B 314 12.88 10.51 -6.88
N VAL B 315 12.72 11.14 -5.73
CA VAL B 315 13.42 10.73 -4.51
C VAL B 315 12.47 9.71 -3.88
N ILE B 316 12.97 8.52 -3.61
CA ILE B 316 12.17 7.48 -3.04
C ILE B 316 12.47 7.41 -1.56
N VAL B 317 13.72 7.62 -1.23
CA VAL B 317 14.17 7.62 0.16
C VAL B 317 15.12 8.81 0.31
N ASP B 318 14.90 9.63 1.34
CA ASP B 318 15.75 10.78 1.50
C ASP B 318 17.20 10.47 1.79
N SER B 319 18.07 11.29 1.20
CA SER B 319 19.52 11.18 1.33
C SER B 319 20.05 11.00 2.74
N ASP B 320 19.27 11.48 3.72
CA ASP B 320 19.65 11.36 5.13
C ASP B 320 19.20 10.03 5.73
N ASN B 321 18.85 9.10 4.85
CA ASN B 321 18.35 7.79 5.22
C ASN B 321 19.05 6.61 4.54
N ARG B 322 18.78 5.39 5.05
CA ARG B 322 19.35 4.13 4.55
C ARG B 322 18.55 3.44 3.45
N SER B 323 19.24 2.66 2.64
CA SER B 323 18.61 1.84 1.60
C SER B 323 19.36 0.46 1.58
N GLY B 324 19.76 0.00 0.39
CA GLY B 324 20.49 -1.25 0.27
C GLY B 324 20.12 -1.88 -1.04
N TYR B 325 19.90 -3.19 -0.98
CA TYR B 325 19.52 -3.98 -2.16
C TYR B 325 18.25 -3.44 -2.79
N SER B 326 17.97 -3.95 -3.99
CA SER B 326 16.78 -3.59 -4.74
C SER B 326 16.75 -4.33 -6.05
N GLY B 327 15.56 -4.64 -6.50
CA GLY B 327 15.41 -5.36 -7.73
C GLY B 327 14.11 -4.96 -8.38
N ILE B 328 13.98 -5.33 -9.64
CA ILE B 328 12.81 -5.00 -10.39
C ILE B 328 11.93 -6.24 -10.45
N PHE B 329 10.62 -6.04 -10.53
CA PHE B 329 9.68 -7.14 -10.68
C PHE B 329 8.64 -6.63 -11.67
N SER B 330 8.23 -7.44 -12.64
CA SER B 330 7.21 -6.97 -13.57
C SER B 330 5.86 -7.65 -13.38
N VAL B 331 4.79 -6.97 -13.78
CA VAL B 331 3.48 -7.58 -13.65
C VAL B 331 2.62 -7.28 -14.88
N GLU B 332 1.88 -8.29 -15.35
CA GLU B 332 1.06 -8.12 -16.54
C GLU B 332 -0.18 -7.30 -16.31
N GLY B 333 -0.42 -6.40 -17.24
CA GLY B 333 -1.59 -5.54 -17.22
C GLY B 333 -2.56 -6.19 -18.21
N LYS B 334 -3.75 -5.62 -18.37
CA LYS B 334 -4.74 -6.18 -19.28
C LYS B 334 -4.49 -5.70 -20.69
N SER B 335 -3.34 -5.06 -20.89
CA SER B 335 -2.98 -4.49 -22.18
C SER B 335 -1.47 -4.51 -22.43
N CYS B 336 -0.71 -4.21 -21.39
CA CYS B 336 0.74 -4.16 -21.48
C CYS B 336 1.29 -4.65 -20.17
N ILE B 337 2.54 -5.07 -20.14
CA ILE B 337 3.11 -5.52 -18.87
C ILE B 337 3.94 -4.39 -18.27
N ASN B 338 3.56 -3.96 -17.07
CA ASN B 338 4.27 -2.89 -16.35
C ASN B 338 5.49 -3.47 -15.64
N ARG B 339 6.34 -2.58 -15.11
CA ARG B 339 7.53 -2.98 -14.39
C ARG B 339 7.56 -2.22 -13.08
N CYS B 340 7.68 -2.93 -11.98
CA CYS B 340 7.71 -2.28 -10.66
C CYS B 340 9.06 -2.58 -10.04
N PHE B 341 9.29 -2.07 -8.84
CA PHE B 341 10.56 -2.33 -8.17
C PHE B 341 10.46 -2.24 -6.65
N TYR B 342 11.28 -3.00 -5.93
CA TYR B 342 11.23 -2.95 -4.47
C TYR B 342 12.52 -2.33 -3.96
N VAL B 343 12.53 -1.84 -2.72
CA VAL B 343 13.78 -1.30 -2.17
C VAL B 343 14.00 -1.71 -0.71
N GLU B 344 15.05 -2.48 -0.46
CA GLU B 344 15.32 -2.92 0.91
C GLU B 344 15.97 -1.84 1.76
N LEU B 345 15.37 -1.54 2.91
CA LEU B 345 15.92 -0.52 3.82
C LEU B 345 16.45 -1.22 5.06
N ILE B 346 17.76 -1.40 5.09
CA ILE B 346 18.40 -2.09 6.19
C ILE B 346 18.75 -1.22 7.39
N ARG B 347 18.55 -1.76 8.59
CA ARG B 347 18.85 -1.06 9.84
C ARG B 347 19.71 -1.99 10.67
N GLY B 348 20.25 -1.47 11.77
CA GLY B 348 21.04 -2.29 12.65
C GLY B 348 22.53 -2.28 12.45
N ARG B 349 23.16 -3.26 13.09
CA ARG B 349 24.60 -3.42 13.12
C ARG B 349 25.43 -3.29 11.87
N LYS B 350 26.63 -2.84 12.18
CA LYS B 350 27.74 -2.54 11.28
C LYS B 350 27.54 -1.02 11.20
N GLN B 351 26.58 -0.55 10.40
CA GLN B 351 26.33 0.90 10.30
C GLN B 351 25.87 1.41 11.67
N GLU B 352 24.66 1.01 12.08
CA GLU B 352 24.08 1.43 13.37
C GLU B 352 24.63 0.55 14.50
N THR B 353 25.04 1.17 15.60
CA THR B 353 25.70 0.46 16.68
C THR B 353 24.96 0.19 17.99
N ARG B 354 23.92 0.95 18.28
CA ARG B 354 23.19 0.76 19.53
C ARG B 354 22.73 -0.68 19.70
N VAL B 355 22.28 -1.25 18.59
CA VAL B 355 21.77 -2.61 18.52
C VAL B 355 22.78 -3.61 17.97
N TRP B 356 22.55 -4.91 18.18
CA TRP B 356 23.49 -5.94 17.69
C TRP B 356 22.94 -6.81 16.58
N TRP B 357 21.79 -6.45 16.02
CA TRP B 357 21.15 -7.24 14.94
C TRP B 357 21.20 -6.56 13.57
N THR B 358 20.72 -7.24 12.55
CA THR B 358 20.71 -6.63 11.22
C THR B 358 19.44 -7.15 10.59
N SER B 359 18.60 -6.24 10.11
CA SER B 359 17.32 -6.63 9.51
C SER B 359 16.90 -5.51 8.57
N ASN B 360 15.93 -5.78 7.73
CA ASN B 360 15.48 -4.77 6.80
C ASN B 360 13.97 -4.67 6.84
N SER B 361 13.47 -3.69 6.10
CA SER B 361 12.04 -3.41 5.96
C SER B 361 11.90 -3.15 4.47
N ILE B 362 10.70 -2.89 3.96
CA ILE B 362 10.63 -2.62 2.54
C ILE B 362 9.64 -1.49 2.14
N VAL B 363 9.76 -1.05 0.89
CA VAL B 363 8.87 -0.04 0.30
C VAL B 363 8.79 -0.54 -1.11
N VAL B 364 7.77 -0.17 -1.86
CA VAL B 364 7.68 -0.63 -3.23
C VAL B 364 6.72 0.24 -4.03
N PHE B 365 7.17 0.59 -5.22
CA PHE B 365 6.42 1.46 -6.10
C PHE B 365 6.17 0.76 -7.40
N CYS B 366 5.32 1.35 -8.22
CA CYS B 366 5.04 0.74 -9.52
C CYS B 366 4.92 1.76 -10.61
N GLY B 367 5.34 1.36 -11.80
CA GLY B 367 5.28 2.26 -12.94
C GLY B 367 3.88 2.81 -13.22
N THR B 368 3.81 4.08 -13.54
CA THR B 368 2.52 4.65 -13.85
C THR B 368 2.59 5.44 -15.12
N SER B 369 1.43 5.62 -15.73
CA SER B 369 1.30 6.39 -16.96
C SER B 369 0.65 7.73 -16.60
N GLY B 370 0.09 7.76 -15.39
CA GLY B 370 -0.56 8.96 -14.89
C GLY B 370 0.45 9.87 -14.25
N THR B 371 -0.06 10.96 -13.68
CA THR B 371 0.72 12.00 -13.01
C THR B 371 1.04 11.63 -11.57
N TYR B 372 2.01 12.31 -10.94
CA TYR B 372 2.40 12.00 -9.56
C TYR B 372 2.91 13.22 -8.78
N GLY B 373 3.35 13.00 -7.54
CA GLY B 373 3.77 14.13 -6.73
C GLY B 373 5.16 14.06 -6.15
N THR B 374 5.27 14.07 -4.82
CA THR B 374 6.60 14.03 -4.19
C THR B 374 6.66 13.42 -2.76
N GLY B 375 7.83 12.93 -2.35
CA GLY B 375 7.96 12.36 -1.02
C GLY B 375 9.25 11.62 -0.69
N SER B 376 9.24 10.93 0.45
CA SER B 376 10.38 10.17 0.94
C SER B 376 9.80 9.24 1.96
N TRP B 377 9.61 7.99 1.55
CA TRP B 377 9.02 6.95 2.39
C TRP B 377 10.05 5.99 2.94
N PRO B 378 10.62 6.30 4.10
CA PRO B 378 11.63 5.43 4.68
C PRO B 378 11.16 4.51 5.81
N ASP B 379 12.12 3.94 6.53
CA ASP B 379 11.84 3.03 7.63
C ASP B 379 10.97 3.67 8.73
N GLY B 380 11.60 4.42 9.62
CA GLY B 380 10.87 5.05 10.69
C GLY B 380 11.07 4.40 12.04
N ALA B 381 12.24 3.83 12.29
CA ALA B 381 12.47 3.18 13.57
C ALA B 381 13.47 3.90 14.41
N ASN B 382 13.00 4.52 15.48
CA ASN B 382 13.92 5.21 16.35
C ASN B 382 14.74 4.11 17.00
N ILE B 383 16.03 4.15 16.72
CA ILE B 383 17.00 3.19 17.22
C ILE B 383 17.08 3.21 18.73
N ASN B 384 16.67 4.31 19.31
CA ASN B 384 16.68 4.41 20.77
C ASN B 384 15.44 3.70 21.29
N PHE B 385 14.42 3.57 20.47
CA PHE B 385 13.20 2.88 20.89
C PHE B 385 13.41 1.33 20.83
N MET B 386 13.93 0.87 19.70
CA MET B 386 14.21 -0.55 19.43
C MET B 386 14.98 -1.34 20.49
N PRO B 387 14.59 -2.62 20.72
CA PRO B 387 15.27 -3.47 21.71
C PRO B 387 16.67 -3.89 21.27
N ILE B 388 17.47 -4.18 22.29
CA ILE B 388 18.88 -4.61 22.23
C ILE B 388 19.80 -3.42 22.42
#